data_4ZVX
#
_entry.id   4ZVX
#
_cell.length_a   159.323
_cell.length_b   159.323
_cell.length_c   79.801
_cell.angle_alpha   90.000
_cell.angle_beta   90.000
_cell.angle_gamma   90.000
#
_symmetry.space_group_name_H-M   'P 4 21 2'
#
loop_
_entity.id
_entity.type
_entity.pdbx_description
1 polymer 'Alpha-aminoadipic semialdehyde dehydrogenase'
2 water water
#
_entity_poly.entity_id   1
_entity_poly.type   'polypeptide(L)'
_entity_poly.pdbx_seq_one_letter_code
;GHMSTLLINQPQYAWLKELGLREENEGVYNGSWGGRGEVITTYCPANNEPIARVRQASVADYEETVKKAREAWKIWADIP
APKRGEIVRQIGDALREKIQVLGSLVSLEMGKILVEGVGEVQEYVDICDYAVGLSRMIGGPILPSERSGHALIEQWNPVG
LVGIITAFNFPVAVYGWNNAIAMICGNVCLWKGAPTTSLISVAVTKIIAKVLEDNKLPGAICSLTCGGADIGTAMAKDER
VNLLSFTGSTQVGKQVGLMVQERFGRSLLELGGNNAIIAFEDADLSLVVPSALFAAVGTAGQRCTTARRLFIHESIHDEV
VNRLKKAYAQIRVGNPWDPNVLYGPLHTKQAVSMFLGAVEEAKKEGGTVVYGGKVMDRPGNYVEPTIVTGLGHDASIAHT
ETFAPILYVFKFKNEEEVFAWNNEVKQGLSSSIFTKDLGRIFRWLGPKGSDCGIVNVNIPTSGAEIGGAFGGEKHTGGGR
ESGSDAWKQYMRRSTCTINYSKDLPLAQGIKFQ
;
_entity_poly.pdbx_strand_id   A,B
#
# COMPACT_ATOMS: atom_id res chain seq x y z
N THR A 5 30.16 -17.17 33.21
CA THR A 5 29.87 -18.43 32.53
C THR A 5 28.45 -18.41 31.94
N LEU A 6 28.28 -19.11 30.83
CA LEU A 6 27.02 -19.12 30.10
C LEU A 6 25.92 -19.80 30.89
N LEU A 7 24.74 -19.19 30.94
CA LEU A 7 23.60 -19.79 31.65
C LEU A 7 23.32 -21.21 31.13
N ILE A 8 23.45 -21.41 29.83
CA ILE A 8 23.10 -22.71 29.24
C ILE A 8 24.10 -23.80 29.69
N ASN A 9 25.24 -23.38 30.24
CA ASN A 9 26.19 -24.34 30.78
C ASN A 9 25.96 -24.65 32.27
N GLN A 10 24.96 -24.02 32.86
CA GLN A 10 24.65 -24.28 34.28
C GLN A 10 23.48 -25.26 34.37
N PRO A 11 23.60 -26.26 35.25
CA PRO A 11 22.58 -27.31 35.34
C PRO A 11 21.15 -26.79 35.58
N GLN A 12 20.99 -25.65 36.26
CA GLN A 12 19.65 -25.15 36.54
C GLN A 12 18.95 -24.71 35.25
N TYR A 13 19.72 -24.43 34.20
CA TYR A 13 19.13 -24.03 32.92
C TYR A 13 19.21 -25.11 31.85
N ALA A 14 19.36 -26.36 32.26
CA ALA A 14 19.51 -27.48 31.31
C ALA A 14 18.25 -27.71 30.48
N TRP A 15 17.13 -27.14 30.91
CA TRP A 15 15.89 -27.22 30.16
C TRP A 15 16.01 -26.53 28.78
N LEU A 16 16.94 -25.58 28.65
CA LEU A 16 17.21 -24.93 27.36
C LEU A 16 17.56 -25.95 26.27
N LYS A 17 18.17 -27.04 26.68
CA LYS A 17 18.63 -28.04 25.71
C LYS A 17 17.46 -28.81 25.09
N GLU A 18 16.29 -28.74 25.73
CA GLU A 18 15.07 -29.31 25.14
C GLU A 18 14.63 -28.56 23.88
N LEU A 19 15.18 -27.38 23.65
CA LEU A 19 14.86 -26.62 22.45
C LEU A 19 15.97 -26.78 21.41
N GLY A 20 16.91 -27.68 21.69
CA GLY A 20 18.00 -27.95 20.77
C GLY A 20 19.11 -26.92 20.85
N LEU A 21 19.10 -26.08 21.87
CA LEU A 21 20.12 -25.04 22.00
C LEU A 21 21.40 -25.58 22.65
N ARG A 22 22.55 -25.00 22.28
CA ARG A 22 23.86 -25.38 22.83
C ARG A 22 24.61 -24.10 23.23
N GLU A 23 25.85 -24.21 23.71
CA GLU A 23 26.57 -23.00 24.09
C GLU A 23 26.82 -22.07 22.89
N GLU A 24 27.05 -22.64 21.71
CA GLU A 24 27.12 -21.85 20.49
C GLU A 24 26.23 -22.44 19.40
N ASN A 25 25.37 -21.60 18.85
CA ASN A 25 24.31 -22.04 17.94
C ASN A 25 24.44 -21.45 16.54
N GLU A 26 24.08 -22.24 15.53
CA GLU A 26 24.00 -21.71 14.18
C GLU A 26 22.80 -20.77 14.03
N GLY A 27 23.05 -19.57 13.49
CA GLY A 27 22.00 -18.58 13.31
C GLY A 27 21.48 -18.43 11.89
N VAL A 28 21.94 -19.30 10.99
CA VAL A 28 21.43 -19.35 9.62
C VAL A 28 20.79 -20.71 9.35
N TYR A 29 19.57 -20.70 8.80
CA TYR A 29 18.95 -21.94 8.32
C TYR A 29 18.34 -21.72 6.94
N ASN A 30 18.71 -22.57 5.98
CA ASN A 30 18.15 -22.54 4.63
C ASN A 30 17.94 -23.96 4.11
N GLY A 31 17.69 -24.89 5.01
CA GLY A 31 17.74 -26.30 4.69
C GLY A 31 18.99 -26.93 5.29
N SER A 32 20.04 -26.14 5.40
CA SER A 32 21.22 -26.47 6.19
C SER A 32 21.39 -25.42 7.28
N TRP A 33 22.05 -25.79 8.37
CA TRP A 33 22.38 -24.84 9.42
C TRP A 33 23.81 -24.32 9.24
N GLY A 34 23.99 -23.03 9.48
CA GLY A 34 25.30 -22.43 9.29
C GLY A 34 25.38 -21.05 9.92
N GLY A 35 26.34 -20.26 9.45
CA GLY A 35 26.55 -18.93 9.98
C GLY A 35 28.03 -18.64 10.00
N ARG A 36 28.49 -17.79 9.10
CA ARG A 36 29.89 -17.45 9.06
C ARG A 36 30.14 -16.00 9.47
N GLY A 37 29.09 -15.32 9.91
CA GLY A 37 29.20 -13.91 10.30
C GLY A 37 29.60 -13.73 11.76
N GLU A 38 29.22 -12.61 12.36
CA GLU A 38 29.68 -12.30 13.70
C GLU A 38 29.01 -13.19 14.75
N VAL A 39 29.76 -13.56 15.78
CA VAL A 39 29.18 -14.35 16.86
C VAL A 39 28.65 -13.40 17.91
N ILE A 40 27.37 -13.52 18.25
CA ILE A 40 26.77 -12.63 19.24
C ILE A 40 26.40 -13.42 20.50
N THR A 41 26.55 -12.77 21.65
CA THR A 41 26.10 -13.36 22.90
C THR A 41 24.82 -12.65 23.32
N THR A 42 23.76 -13.39 23.63
CA THR A 42 22.59 -12.71 24.17
C THR A 42 22.54 -12.89 25.68
N TYR A 43 21.90 -11.93 26.34
CA TYR A 43 21.96 -11.81 27.79
C TYR A 43 20.57 -11.88 28.40
N CYS A 44 20.51 -12.36 29.64
CA CYS A 44 19.27 -12.40 30.39
C CYS A 44 19.04 -11.07 31.11
N PRO A 45 17.98 -10.33 30.73
CA PRO A 45 17.79 -8.97 31.28
C PRO A 45 17.45 -8.93 32.77
N ALA A 46 17.08 -10.08 33.34
CA ALA A 46 16.79 -10.18 34.78
C ALA A 46 18.05 -10.23 35.65
N ASN A 47 19.18 -10.63 35.08
CA ASN A 47 20.41 -10.70 35.87
C ASN A 47 21.68 -10.28 35.12
N ASN A 48 21.50 -9.84 33.87
CA ASN A 48 22.58 -9.43 32.99
C ASN A 48 23.63 -10.50 32.76
N GLU A 49 23.24 -11.77 32.92
CA GLU A 49 24.15 -12.86 32.63
C GLU A 49 24.01 -13.32 31.18
N PRO A 50 25.13 -13.74 30.57
CA PRO A 50 25.08 -14.29 29.21
C PRO A 50 24.42 -15.66 29.19
N ILE A 51 23.56 -15.88 28.21
CA ILE A 51 22.82 -17.14 28.11
C ILE A 51 23.55 -18.14 27.23
N ALA A 52 23.82 -17.74 25.98
CA ALA A 52 24.43 -18.59 24.96
C ALA A 52 24.84 -17.71 23.78
N ARG A 53 25.46 -18.34 22.77
CA ARG A 53 25.98 -17.58 21.62
C ARG A 53 25.32 -18.01 20.34
N VAL A 54 25.22 -17.08 19.39
CA VAL A 54 24.66 -17.39 18.09
C VAL A 54 25.58 -16.85 17.02
N ARG A 55 25.90 -17.69 16.04
CA ARG A 55 26.72 -17.22 14.94
C ARG A 55 25.82 -16.72 13.82
N GLN A 56 25.90 -15.42 13.57
CA GLN A 56 24.98 -14.78 12.65
C GLN A 56 25.36 -14.98 11.20
N ALA A 57 24.47 -14.57 10.30
CA ALA A 57 24.72 -14.60 8.87
C ALA A 57 25.80 -13.62 8.46
N SER A 58 26.68 -14.06 7.57
CA SER A 58 27.51 -13.14 6.81
C SER A 58 26.71 -12.67 5.61
N VAL A 59 27.23 -11.71 4.85
CA VAL A 59 26.58 -11.28 3.62
C VAL A 59 26.48 -12.45 2.63
N ALA A 60 27.54 -13.25 2.55
CA ALA A 60 27.55 -14.43 1.69
C ALA A 60 26.49 -15.46 2.13
N ASP A 61 26.32 -15.63 3.44
CA ASP A 61 25.26 -16.51 3.95
C ASP A 61 23.88 -16.02 3.50
N TYR A 62 23.68 -14.71 3.59
CA TYR A 62 22.42 -14.10 3.21
C TYR A 62 22.13 -14.34 1.73
N GLU A 63 23.14 -14.06 0.90
CA GLU A 63 23.06 -14.28 -0.54
C GLU A 63 22.65 -15.70 -0.88
N GLU A 64 23.38 -16.68 -0.33
CA GLU A 64 23.08 -18.09 -0.58
C GLU A 64 21.68 -18.48 -0.09
N THR A 65 21.27 -17.93 1.04
CA THR A 65 19.98 -18.25 1.60
C THR A 65 18.84 -17.70 0.73
N VAL A 66 18.98 -16.47 0.24
CA VAL A 66 17.98 -15.93 -0.69
C VAL A 66 17.82 -16.82 -1.92
N LYS A 67 18.94 -17.22 -2.50
CA LYS A 67 18.93 -18.11 -3.66
C LYS A 67 18.29 -19.46 -3.35
N LYS A 68 18.61 -20.02 -2.19
CA LYS A 68 18.02 -21.30 -1.81
C LYS A 68 16.52 -21.17 -1.56
N ALA A 69 16.08 -20.07 -0.97
CA ALA A 69 14.65 -19.87 -0.74
C ALA A 69 13.91 -19.77 -2.07
N ARG A 70 14.46 -19.00 -2.99
CA ARG A 70 13.81 -18.85 -4.29
C ARG A 70 13.76 -20.18 -5.04
N GLU A 71 14.76 -21.05 -4.86
CA GLU A 71 14.69 -22.39 -5.45
C GLU A 71 13.60 -23.24 -4.80
N ALA A 72 13.55 -23.24 -3.47
CA ALA A 72 12.51 -23.94 -2.73
C ALA A 72 11.10 -23.47 -3.12
N TRP A 73 10.97 -22.19 -3.48
CA TRP A 73 9.66 -21.64 -3.84
C TRP A 73 9.07 -22.37 -5.06
N LYS A 74 9.92 -22.78 -5.99
CA LYS A 74 9.46 -23.52 -7.17
C LYS A 74 8.66 -24.78 -6.78
N ILE A 75 9.07 -25.44 -5.71
CA ILE A 75 8.38 -26.60 -5.19
C ILE A 75 7.14 -26.19 -4.41
N TRP A 76 7.33 -25.24 -3.52
CA TRP A 76 6.29 -24.84 -2.55
C TRP A 76 5.07 -24.24 -3.24
N ALA A 77 5.29 -23.40 -4.26
CA ALA A 77 4.19 -22.71 -4.94
C ALA A 77 3.29 -23.69 -5.71
N ASP A 78 3.82 -24.89 -5.98
CA ASP A 78 3.04 -25.90 -6.68
C ASP A 78 2.26 -26.80 -5.74
N ILE A 79 2.45 -26.61 -4.44
CA ILE A 79 1.67 -27.36 -3.47
C ILE A 79 0.35 -26.64 -3.19
N PRO A 80 -0.78 -27.35 -3.36
CA PRO A 80 -2.13 -26.77 -3.18
C PRO A 80 -2.28 -26.09 -1.82
N ALA A 81 -2.94 -24.94 -1.77
CA ALA A 81 -3.05 -24.16 -0.53
C ALA A 81 -3.57 -24.97 0.68
N PRO A 82 -4.56 -25.85 0.48
CA PRO A 82 -4.97 -26.63 1.66
C PRO A 82 -3.89 -27.56 2.21
N LYS A 83 -3.00 -28.05 1.35
CA LYS A 83 -1.89 -28.87 1.83
C LYS A 83 -0.81 -28.02 2.51
N ARG A 84 -0.61 -26.80 2.01
CA ARG A 84 0.26 -25.85 2.71
C ARG A 84 -0.34 -25.54 4.08
N GLY A 85 -1.66 -25.41 4.15
CA GLY A 85 -2.34 -25.18 5.41
C GLY A 85 -2.12 -26.33 6.39
N GLU A 86 -2.06 -27.55 5.87
CA GLU A 86 -1.78 -28.72 6.71
C GLU A 86 -0.36 -28.65 7.31
N ILE A 87 0.60 -28.15 6.53
CA ILE A 87 1.95 -27.97 7.06
C ILE A 87 1.93 -26.94 8.19
N VAL A 88 1.23 -25.83 7.98
CA VAL A 88 1.10 -24.82 9.02
C VAL A 88 0.40 -25.41 10.26
N ARG A 89 -0.61 -26.25 10.07
CA ARG A 89 -1.25 -26.94 11.20
C ARG A 89 -0.23 -27.75 12.00
N GLN A 90 0.64 -28.46 11.31
CA GLN A 90 1.66 -29.28 11.98
C GLN A 90 2.69 -28.43 12.74
N ILE A 91 2.99 -27.24 12.22
CA ILE A 91 3.87 -26.33 12.95
C ILE A 91 3.20 -25.93 14.28
N GLY A 92 1.93 -25.59 14.21
CA GLY A 92 1.16 -25.33 15.42
C GLY A 92 1.21 -26.47 16.42
N ASP A 93 1.06 -27.70 15.97
CA ASP A 93 1.15 -28.86 16.88
C ASP A 93 2.55 -28.99 17.49
N ALA A 94 3.56 -28.69 16.70
CA ALA A 94 4.94 -28.78 17.17
C ALA A 94 5.23 -27.71 18.22
N LEU A 95 4.73 -26.50 18.00
CA LEU A 95 4.83 -25.43 19.01
C LEU A 95 4.11 -25.83 20.30
N ARG A 96 2.94 -26.45 20.14
CA ARG A 96 2.17 -26.93 21.29
C ARG A 96 3.00 -27.84 22.20
N GLU A 97 3.74 -28.75 21.59
CA GLU A 97 4.53 -29.71 22.35
C GLU A 97 5.66 -29.05 23.13
N LYS A 98 6.08 -27.87 22.68
CA LYS A 98 7.21 -27.16 23.31
C LYS A 98 6.79 -25.91 24.08
N ILE A 99 5.49 -25.72 24.28
CA ILE A 99 4.99 -24.42 24.71
C ILE A 99 5.59 -23.91 26.04
N GLN A 100 5.74 -24.81 27.02
CA GLN A 100 6.31 -24.42 28.31
C GLN A 100 7.77 -24.00 28.21
N VAL A 101 8.61 -24.81 27.55
CA VAL A 101 10.02 -24.47 27.47
C VAL A 101 10.26 -23.28 26.55
N LEU A 102 9.49 -23.17 25.47
CA LEU A 102 9.68 -22.05 24.55
C LEU A 102 9.20 -20.77 25.24
N GLY A 103 8.09 -20.86 25.96
CA GLY A 103 7.60 -19.72 26.72
C GLY A 103 8.60 -19.31 27.79
N SER A 104 9.23 -20.29 28.43
CA SER A 104 10.26 -19.98 29.41
C SER A 104 11.47 -19.27 28.76
N LEU A 105 11.85 -19.70 27.57
CA LEU A 105 12.94 -19.03 26.85
C LEU A 105 12.56 -17.58 26.53
N VAL A 106 11.30 -17.34 26.18
CA VAL A 106 10.87 -15.98 25.88
C VAL A 106 11.04 -15.13 27.15
N SER A 107 10.60 -15.66 28.29
CA SER A 107 10.80 -14.94 29.55
C SER A 107 12.27 -14.72 29.88
N LEU A 108 13.09 -15.74 29.61
CA LEU A 108 14.50 -15.68 29.97
C LEU A 108 15.29 -14.68 29.13
N GLU A 109 15.08 -14.73 27.82
CA GLU A 109 15.88 -13.91 26.92
C GLU A 109 15.24 -12.53 26.69
N MET A 110 13.91 -12.47 26.62
CA MET A 110 13.27 -11.18 26.36
C MET A 110 12.95 -10.42 27.65
N GLY A 111 12.43 -11.12 28.66
CA GLY A 111 12.19 -10.50 29.97
C GLY A 111 10.75 -10.37 30.40
N LYS A 112 9.80 -10.73 29.54
CA LYS A 112 8.38 -10.64 29.89
C LYS A 112 8.04 -11.78 30.84
N ILE A 113 7.00 -11.60 31.66
CA ILE A 113 6.65 -12.60 32.67
C ILE A 113 6.16 -13.89 32.03
N LEU A 114 6.17 -14.98 32.79
CA LEU A 114 6.01 -16.31 32.21
C LEU A 114 4.65 -16.50 31.53
N VAL A 115 3.58 -16.02 32.16
CA VAL A 115 2.25 -16.18 31.54
C VAL A 115 2.22 -15.47 30.18
N GLU A 116 3.02 -14.41 30.03
CA GLU A 116 3.07 -13.71 28.74
C GLU A 116 3.97 -14.41 27.72
N GLY A 117 5.07 -15.01 28.17
CA GLY A 117 5.92 -15.77 27.26
C GLY A 117 5.15 -16.97 26.71
N VAL A 118 4.57 -17.75 27.61
CA VAL A 118 3.72 -18.87 27.21
C VAL A 118 2.55 -18.37 26.34
N GLY A 119 1.94 -17.24 26.73
CA GLY A 119 0.80 -16.70 26.00
C GLY A 119 1.18 -16.29 24.58
N GLU A 120 2.42 -15.85 24.40
CA GLU A 120 2.86 -15.47 23.07
C GLU A 120 3.04 -16.70 22.18
N VAL A 121 3.60 -17.77 22.74
CA VAL A 121 3.67 -19.02 21.99
C VAL A 121 2.25 -19.53 21.66
N GLN A 122 1.35 -19.45 22.63
CA GLN A 122 -0.04 -19.90 22.40
C GLN A 122 -0.70 -19.09 21.28
N GLU A 123 -0.39 -17.80 21.20
CA GLU A 123 -0.89 -16.97 20.11
C GLU A 123 -0.47 -17.48 18.73
N TYR A 124 0.78 -17.92 18.64
CA TYR A 124 1.28 -18.49 17.39
C TYR A 124 0.53 -19.81 17.09
N VAL A 125 0.35 -20.63 18.12
CA VAL A 125 -0.44 -21.85 17.97
C VAL A 125 -1.85 -21.53 17.46
N ASP A 126 -2.50 -20.54 18.06
CA ASP A 126 -3.84 -20.14 17.63
C ASP A 126 -3.84 -19.61 16.19
N ILE A 127 -2.77 -18.93 15.80
CA ILE A 127 -2.64 -18.43 14.44
C ILE A 127 -2.55 -19.59 13.45
N CYS A 128 -1.75 -20.61 13.79
CA CYS A 128 -1.65 -21.79 12.92
C CYS A 128 -3.01 -22.48 12.77
N ASP A 129 -3.75 -22.62 13.86
CA ASP A 129 -5.08 -23.25 13.80
C ASP A 129 -6.02 -22.45 12.93
N TYR A 130 -5.90 -21.13 13.00
CA TYR A 130 -6.72 -20.24 12.16
C TYR A 130 -6.33 -20.35 10.68
N ALA A 131 -5.03 -20.42 10.41
CA ALA A 131 -4.52 -20.48 9.05
C ALA A 131 -4.99 -21.72 8.30
N VAL A 132 -5.24 -22.81 9.02
CA VAL A 132 -5.73 -24.03 8.40
C VAL A 132 -7.00 -23.80 7.61
N GLY A 133 -7.97 -23.17 8.26
CA GLY A 133 -9.24 -22.83 7.64
C GLY A 133 -9.09 -21.75 6.59
N LEU A 134 -8.28 -20.74 6.88
CA LEU A 134 -8.06 -19.66 5.92
C LEU A 134 -7.51 -20.20 4.60
N SER A 135 -6.67 -21.24 4.66
CA SER A 135 -6.07 -21.81 3.46
C SER A 135 -7.11 -22.32 2.45
N ARG A 136 -8.34 -22.55 2.91
CA ARG A 136 -9.40 -23.02 2.01
C ARG A 136 -10.25 -21.89 1.46
N MET A 137 -9.91 -20.66 1.82
CA MET A 137 -10.69 -19.49 1.42
C MET A 137 -9.91 -18.55 0.50
N ILE A 138 -8.71 -18.96 0.11
CA ILE A 138 -7.89 -18.16 -0.79
C ILE A 138 -8.41 -18.22 -2.22
N GLY A 139 -8.79 -17.08 -2.78
CA GLY A 139 -9.07 -17.05 -4.21
C GLY A 139 -9.89 -15.85 -4.60
N GLY A 140 -9.99 -15.62 -5.90
CA GLY A 140 -10.74 -14.48 -6.39
C GLY A 140 -11.94 -14.91 -7.22
N PRO A 141 -12.86 -13.97 -7.46
CA PRO A 141 -14.07 -14.27 -8.21
C PRO A 141 -13.83 -14.35 -9.71
N ILE A 142 -14.68 -15.12 -10.38
CA ILE A 142 -14.83 -14.99 -11.82
C ILE A 142 -15.94 -13.98 -12.05
N LEU A 143 -15.58 -12.83 -12.61
CA LEU A 143 -16.54 -11.74 -12.78
C LEU A 143 -17.15 -11.74 -14.17
N PRO A 144 -18.30 -11.07 -14.33
CA PRO A 144 -18.91 -11.11 -15.66
C PRO A 144 -18.22 -10.13 -16.61
N SER A 145 -17.85 -10.60 -17.80
CA SER A 145 -17.29 -9.70 -18.80
C SER A 145 -18.38 -8.89 -19.46
N GLU A 146 -18.03 -7.74 -20.04
CA GLU A 146 -18.99 -6.97 -20.83
C GLU A 146 -19.10 -7.55 -22.24
N ARG A 147 -18.17 -8.43 -22.60
CA ARG A 147 -18.11 -9.00 -23.93
C ARG A 147 -18.50 -10.47 -23.92
N SER A 148 -19.35 -10.87 -24.86
CA SER A 148 -19.79 -12.26 -24.96
C SER A 148 -18.67 -13.22 -25.31
N GLY A 149 -18.62 -14.37 -24.65
CA GLY A 149 -17.59 -15.35 -24.90
C GLY A 149 -16.25 -14.99 -24.27
N HIS A 150 -16.26 -14.00 -23.39
CA HIS A 150 -15.05 -13.64 -22.64
C HIS A 150 -15.21 -13.94 -21.16
N ALA A 151 -14.20 -14.58 -20.58
CA ALA A 151 -14.18 -14.83 -19.14
C ALA A 151 -13.25 -13.84 -18.44
N LEU A 152 -13.75 -13.26 -17.37
CA LEU A 152 -13.02 -12.27 -16.60
C LEU A 152 -12.70 -12.87 -15.24
N ILE A 153 -11.41 -12.98 -14.95
CA ILE A 153 -10.94 -13.70 -13.76
C ILE A 153 -10.04 -12.83 -12.88
N GLU A 154 -10.38 -12.74 -11.60
CA GLU A 154 -9.49 -12.12 -10.61
C GLU A 154 -8.57 -13.19 -10.02
N GLN A 155 -7.31 -13.17 -10.45
CA GLN A 155 -6.33 -14.18 -10.11
C GLN A 155 -5.43 -13.71 -8.98
N TRP A 156 -5.22 -14.57 -7.99
CA TRP A 156 -4.28 -14.27 -6.92
C TRP A 156 -3.12 -15.26 -6.92
N ASN A 157 -1.90 -14.73 -6.92
CA ASN A 157 -0.69 -15.54 -6.89
C ASN A 157 0.24 -15.12 -5.76
N PRO A 158 1.11 -16.03 -5.31
CA PRO A 158 2.11 -15.64 -4.30
C PRO A 158 3.00 -14.51 -4.81
N VAL A 159 3.48 -13.65 -3.91
CA VAL A 159 4.44 -12.62 -4.30
C VAL A 159 5.84 -13.23 -4.49
N GLY A 160 6.10 -14.35 -3.82
CA GLY A 160 7.36 -15.06 -3.97
C GLY A 160 8.08 -15.18 -2.64
N LEU A 161 9.11 -14.36 -2.45
CA LEU A 161 9.86 -14.35 -1.19
C LEU A 161 9.42 -13.19 -0.30
N VAL A 162 8.97 -13.53 0.90
CA VAL A 162 8.58 -12.55 1.89
C VAL A 162 9.68 -12.44 2.95
N GLY A 163 10.32 -11.28 3.03
CA GLY A 163 11.27 -11.07 4.09
C GLY A 163 10.56 -10.57 5.32
N ILE A 164 10.95 -11.05 6.49
CA ILE A 164 10.28 -10.69 7.72
C ILE A 164 11.29 -10.18 8.72
N ILE A 165 11.14 -8.92 9.12
CA ILE A 165 11.99 -8.32 10.14
C ILE A 165 11.15 -8.03 11.36
N THR A 166 11.54 -8.58 12.51
CA THR A 166 10.72 -8.44 13.71
C THR A 166 11.51 -7.80 14.84
N ALA A 167 10.80 -7.41 15.90
CA ALA A 167 11.39 -6.62 16.99
C ALA A 167 11.53 -7.46 18.26
N PHE A 168 12.14 -6.86 19.28
CA PHE A 168 12.44 -7.64 20.49
C PHE A 168 11.20 -7.93 21.31
N ASN A 169 10.17 -7.10 21.25
CA ASN A 169 9.15 -7.17 22.29
C ASN A 169 8.10 -8.26 22.07
N PHE A 170 7.91 -8.68 20.82
CA PHE A 170 7.13 -9.89 20.52
C PHE A 170 7.95 -10.74 19.54
N PRO A 171 8.91 -11.49 20.10
CA PRO A 171 9.95 -12.14 19.29
C PRO A 171 9.47 -13.43 18.66
N VAL A 172 8.25 -13.85 19.00
CA VAL A 172 7.68 -15.07 18.43
C VAL A 172 6.43 -14.80 17.57
N ALA A 173 5.46 -14.08 18.11
CA ALA A 173 4.12 -14.09 17.49
C ALA A 173 3.97 -13.19 16.26
N VAL A 174 4.77 -12.13 16.15
CA VAL A 174 4.73 -11.30 14.96
C VAL A 174 5.29 -12.11 13.79
N TYR A 175 6.44 -12.74 13.98
CA TYR A 175 6.95 -13.67 12.98
C TYR A 175 5.90 -14.75 12.65
N GLY A 176 5.28 -15.30 13.69
CA GLY A 176 4.31 -16.37 13.53
C GLY A 176 3.16 -15.99 12.62
N TRP A 177 2.59 -14.80 12.84
CA TRP A 177 1.53 -14.29 11.97
C TRP A 177 2.00 -14.14 10.53
N ASN A 178 3.12 -13.43 10.33
CA ASN A 178 3.64 -13.26 8.99
C ASN A 178 3.96 -14.59 8.32
N ASN A 179 4.60 -15.48 9.07
CA ASN A 179 5.00 -16.76 8.48
C ASN A 179 3.78 -17.61 8.11
N ALA A 180 2.83 -17.74 9.03
CA ALA A 180 1.69 -18.61 8.79
C ALA A 180 0.89 -18.13 7.58
N ILE A 181 0.59 -16.85 7.52
CA ILE A 181 -0.23 -16.36 6.43
C ILE A 181 0.56 -16.39 5.12
N ALA A 182 1.84 -15.99 5.17
CA ALA A 182 2.66 -16.04 3.96
C ALA A 182 2.78 -17.48 3.40
N MET A 183 2.95 -18.46 4.30
CA MET A 183 3.06 -19.85 3.88
C MET A 183 1.79 -20.36 3.19
N ILE A 184 0.60 -20.15 3.77
CA ILE A 184 -0.60 -20.72 3.14
C ILE A 184 -0.83 -20.04 1.79
N CYS A 185 -0.30 -18.83 1.64
CA CYS A 185 -0.45 -18.08 0.38
C CYS A 185 0.55 -18.53 -0.69
N GLY A 186 1.38 -19.51 -0.36
CA GLY A 186 2.34 -20.03 -1.31
C GLY A 186 3.66 -19.31 -1.42
N ASN A 187 3.99 -18.50 -0.40
CA ASN A 187 5.28 -17.81 -0.40
C ASN A 187 6.29 -18.58 0.42
N VAL A 188 7.57 -18.31 0.17
CA VAL A 188 8.64 -18.68 1.06
C VAL A 188 9.04 -17.44 1.88
N CYS A 189 9.62 -17.68 3.05
CA CYS A 189 9.99 -16.61 3.97
C CYS A 189 11.45 -16.62 4.37
N LEU A 190 11.93 -15.43 4.74
CA LEU A 190 13.27 -15.23 5.26
C LEU A 190 13.15 -14.33 6.49
N TRP A 191 13.55 -14.86 7.64
CA TRP A 191 13.37 -14.19 8.92
C TRP A 191 14.68 -13.59 9.42
N LYS A 192 14.69 -12.29 9.71
CA LYS A 192 15.77 -11.68 10.51
C LYS A 192 15.13 -11.07 11.76
N GLY A 193 15.38 -11.67 12.90
CA GLY A 193 14.78 -11.20 14.14
C GLY A 193 15.64 -10.17 14.84
N ALA A 194 15.18 -9.69 15.99
CA ALA A 194 15.98 -8.79 16.80
C ALA A 194 17.22 -9.54 17.27
N PRO A 195 18.40 -8.92 17.14
CA PRO A 195 19.63 -9.60 17.57
C PRO A 195 19.62 -9.98 19.06
N THR A 196 18.95 -9.19 19.90
CA THR A 196 18.90 -9.50 21.32
C THR A 196 17.91 -10.62 21.65
N THR A 197 17.18 -11.10 20.65
CA THR A 197 16.32 -12.28 20.86
C THR A 197 16.66 -13.38 19.87
N SER A 198 17.94 -13.47 19.52
CA SER A 198 18.44 -14.48 18.58
C SER A 198 18.17 -15.93 19.01
N LEU A 199 18.30 -16.24 20.30
CA LEU A 199 18.06 -17.61 20.74
C LEU A 199 16.62 -18.02 20.50
N ILE A 200 15.70 -17.10 20.73
CA ILE A 200 14.30 -17.35 20.45
C ILE A 200 14.08 -17.63 18.96
N SER A 201 14.71 -16.82 18.10
CA SER A 201 14.59 -17.04 16.65
C SER A 201 15.09 -18.42 16.25
N VAL A 202 16.26 -18.79 16.77
CA VAL A 202 16.84 -20.11 16.48
C VAL A 202 15.92 -21.25 16.97
N ALA A 203 15.41 -21.12 18.20
CA ALA A 203 14.54 -22.15 18.78
C ALA A 203 13.26 -22.36 17.96
N VAL A 204 12.65 -21.26 17.54
CA VAL A 204 11.43 -21.34 16.74
C VAL A 204 11.75 -21.98 15.39
N THR A 205 12.83 -21.53 14.75
CA THR A 205 13.22 -22.09 13.47
C THR A 205 13.54 -23.59 13.55
N LYS A 206 14.15 -24.03 14.65
CA LYS A 206 14.43 -25.46 14.84
C LYS A 206 13.13 -26.28 14.84
N ILE A 207 12.11 -25.74 15.48
CA ILE A 207 10.81 -26.41 15.54
C ILE A 207 10.18 -26.51 14.16
N ILE A 208 10.23 -25.41 13.41
CA ILE A 208 9.68 -25.36 12.06
C ILE A 208 10.47 -26.24 11.11
N ALA A 209 11.80 -26.19 11.20
CA ALA A 209 12.67 -26.97 10.34
C ALA A 209 12.35 -28.47 10.41
N LYS A 210 12.08 -28.96 11.61
CA LYS A 210 11.80 -30.38 11.76
C LYS A 210 10.50 -30.78 11.07
N VAL A 211 9.49 -29.91 11.13
CA VAL A 211 8.22 -30.21 10.45
C VAL A 211 8.44 -30.27 8.94
N LEU A 212 9.16 -29.28 8.41
CA LEU A 212 9.45 -29.25 6.98
C LEU A 212 10.26 -30.48 6.55
N GLU A 213 11.32 -30.80 7.30
CA GLU A 213 12.16 -31.95 6.95
C GLU A 213 11.40 -33.28 7.11
N ASP A 214 10.56 -33.40 8.13
CA ASP A 214 9.76 -34.62 8.29
C ASP A 214 8.82 -34.79 7.10
N ASN A 215 8.40 -33.67 6.49
CA ASN A 215 7.51 -33.72 5.34
C ASN A 215 8.23 -33.78 4.00
N LYS A 216 9.55 -33.91 4.04
CA LYS A 216 10.38 -33.98 2.82
C LYS A 216 10.26 -32.73 1.99
N LEU A 217 10.08 -31.60 2.67
CA LEU A 217 10.00 -30.30 2.01
C LEU A 217 11.34 -29.56 2.19
N PRO A 218 11.71 -28.72 1.21
CA PRO A 218 12.97 -27.97 1.37
C PRO A 218 12.89 -26.98 2.54
N GLY A 219 13.85 -27.04 3.45
CA GLY A 219 13.81 -26.22 4.65
C GLY A 219 13.77 -24.72 4.39
N ALA A 220 14.28 -24.30 3.23
CA ALA A 220 14.41 -22.88 2.92
C ALA A 220 13.05 -22.17 2.75
N ILE A 221 11.97 -22.93 2.72
CA ILE A 221 10.62 -22.36 2.76
C ILE A 221 10.45 -21.42 3.96
N CYS A 222 11.10 -21.79 5.07
CA CYS A 222 11.15 -20.93 6.25
C CYS A 222 12.60 -20.68 6.66
N SER A 223 13.26 -19.82 5.90
CA SER A 223 14.66 -19.55 6.16
C SER A 223 14.85 -18.59 7.31
N LEU A 224 16.02 -18.73 7.95
CA LEU A 224 16.46 -17.85 9.02
C LEU A 224 17.83 -17.25 8.69
N THR A 225 17.96 -15.92 8.79
CA THR A 225 19.28 -15.30 8.75
C THR A 225 19.41 -14.30 9.89
N CYS A 226 19.86 -14.77 11.05
CA CYS A 226 20.14 -13.87 12.18
C CYS A 226 21.20 -12.85 11.77
N GLY A 227 21.01 -11.60 12.15
CA GLY A 227 21.99 -10.58 11.84
C GLY A 227 21.55 -9.22 12.33
N GLY A 228 22.44 -8.25 12.22
CA GLY A 228 22.16 -6.90 12.63
C GLY A 228 21.80 -6.02 11.45
N ALA A 229 22.19 -4.75 11.54
CA ALA A 229 21.76 -3.72 10.59
C ALA A 229 22.05 -4.07 9.12
N ASP A 230 23.22 -4.63 8.84
CA ASP A 230 23.62 -4.92 7.46
C ASP A 230 22.70 -5.94 6.80
N ILE A 231 22.25 -6.93 7.57
CA ILE A 231 21.32 -7.92 7.00
C ILE A 231 19.96 -7.28 6.78
N GLY A 232 19.51 -6.46 7.73
CA GLY A 232 18.23 -5.78 7.57
C GLY A 232 18.22 -4.89 6.35
N THR A 233 19.31 -4.13 6.16
CA THR A 233 19.40 -3.21 5.05
C THR A 233 19.48 -3.99 3.73
N ALA A 234 20.18 -5.11 3.75
CA ALA A 234 20.29 -5.93 2.54
C ALA A 234 18.88 -6.36 2.10
N MET A 235 18.05 -6.83 3.04
CA MET A 235 16.68 -7.22 2.71
C MET A 235 15.86 -6.07 2.13
N ALA A 236 16.03 -4.88 2.70
CA ALA A 236 15.28 -3.70 2.25
C ALA A 236 15.66 -3.30 0.85
N LYS A 237 16.92 -3.52 0.49
CA LYS A 237 17.41 -3.11 -0.81
C LYS A 237 17.38 -4.22 -1.86
N ASP A 238 16.99 -5.42 -1.46
CA ASP A 238 17.10 -6.61 -2.33
C ASP A 238 15.85 -6.81 -3.22
N GLU A 239 16.02 -6.63 -4.53
CA GLU A 239 14.90 -6.83 -5.46
C GLU A 239 14.35 -8.26 -5.48
N ARG A 240 15.13 -9.23 -4.99
CA ARG A 240 14.65 -10.62 -4.85
C ARG A 240 13.70 -10.80 -3.66
N VAL A 241 13.68 -9.83 -2.75
CA VAL A 241 12.72 -9.88 -1.65
C VAL A 241 11.47 -9.16 -2.12
N ASN A 242 10.45 -9.93 -2.50
CA ASN A 242 9.28 -9.38 -3.17
C ASN A 242 8.39 -8.59 -2.21
N LEU A 243 8.33 -9.01 -0.97
CA LEU A 243 7.55 -8.31 0.04
C LEU A 243 8.38 -8.26 1.31
N LEU A 244 8.54 -7.08 1.87
CA LEU A 244 9.28 -6.93 3.13
C LEU A 244 8.33 -6.50 4.22
N SER A 245 8.16 -7.36 5.21
CA SER A 245 7.31 -7.09 6.36
C SER A 245 8.22 -6.66 7.49
N PHE A 246 8.03 -5.42 7.96
CA PHE A 246 8.87 -4.84 9.00
C PHE A 246 8.05 -4.41 10.20
N THR A 247 8.53 -4.77 11.39
CA THR A 247 7.94 -4.34 12.65
C THR A 247 9.03 -3.73 13.52
N GLY A 248 8.82 -2.51 13.98
CA GLY A 248 9.87 -1.83 14.73
C GLY A 248 9.64 -0.34 14.85
N SER A 249 10.72 0.41 15.06
CA SER A 249 10.60 1.83 15.34
C SER A 249 10.22 2.64 14.12
N THR A 250 9.59 3.78 14.36
CA THR A 250 9.07 4.60 13.28
C THR A 250 10.20 5.17 12.42
N GLN A 251 11.29 5.54 13.06
CA GLN A 251 12.41 6.14 12.33
C GLN A 251 13.09 5.11 11.44
N VAL A 252 13.24 3.88 11.92
CA VAL A 252 13.85 2.83 11.11
C VAL A 252 12.87 2.40 10.02
N GLY A 253 11.61 2.23 10.41
CA GLY A 253 10.57 1.86 9.47
C GLY A 253 10.44 2.80 8.29
N LYS A 254 10.58 4.10 8.52
CA LYS A 254 10.49 5.06 7.42
C LYS A 254 11.59 4.80 6.40
N GLN A 255 12.79 4.53 6.90
CA GLN A 255 13.92 4.29 6.01
C GLN A 255 13.76 2.97 5.26
N VAL A 256 13.28 1.93 5.95
CA VAL A 256 12.95 0.67 5.28
C VAL A 256 11.91 0.90 4.18
N GLY A 257 10.85 1.63 4.50
CA GLY A 257 9.83 1.96 3.52
C GLY A 257 10.36 2.70 2.30
N LEU A 258 11.23 3.68 2.53
CA LEU A 258 11.83 4.45 1.43
C LEU A 258 12.72 3.57 0.55
N MET A 259 13.50 2.69 1.17
CA MET A 259 14.38 1.79 0.41
C MET A 259 13.58 0.82 -0.45
N VAL A 260 12.50 0.31 0.10
CA VAL A 260 11.67 -0.61 -0.66
C VAL A 260 10.96 0.13 -1.81
N GLN A 261 10.45 1.32 -1.54
CA GLN A 261 9.82 2.13 -2.58
C GLN A 261 10.82 2.49 -3.68
N GLU A 262 12.08 2.71 -3.32
CA GLU A 262 13.08 3.10 -4.31
C GLU A 262 13.28 2.01 -5.37
N ARG A 263 13.04 0.76 -4.99
CA ARG A 263 13.20 -0.36 -5.94
C ARG A 263 11.87 -0.93 -6.43
N PHE A 264 10.79 -0.19 -6.18
CA PHE A 264 9.42 -0.62 -6.52
C PHE A 264 9.04 -1.97 -5.91
N GLY A 265 9.48 -2.21 -4.68
CA GLY A 265 9.09 -3.43 -4.01
C GLY A 265 7.80 -3.19 -3.24
N ARG A 266 7.40 -4.18 -2.45
CA ARG A 266 6.24 -4.09 -1.58
C ARG A 266 6.67 -4.17 -0.12
N SER A 267 6.00 -3.39 0.73
CA SER A 267 6.31 -3.47 2.15
C SER A 267 5.05 -3.47 2.98
N LEU A 268 5.14 -4.13 4.13
CA LEU A 268 4.15 -4.03 5.18
C LEU A 268 4.85 -3.48 6.41
N LEU A 269 4.46 -2.29 6.85
CA LEU A 269 5.17 -1.67 7.96
C LEU A 269 4.29 -1.58 9.19
N GLU A 270 4.77 -2.12 10.31
CA GLU A 270 4.06 -2.00 11.58
C GLU A 270 4.92 -1.15 12.48
N LEU A 271 4.58 0.12 12.59
CA LEU A 271 5.47 1.05 13.28
C LEU A 271 4.89 1.43 14.62
N GLY A 272 5.67 2.18 15.39
CA GLY A 272 5.27 2.52 16.74
C GLY A 272 3.99 3.34 16.80
N GLY A 273 3.66 3.76 18.01
CA GLY A 273 2.56 4.66 18.21
C GLY A 273 2.58 5.18 19.61
N ASN A 274 2.02 6.35 19.81
CA ASN A 274 1.66 6.74 21.15
C ASN A 274 0.26 6.20 21.34
N ASN A 275 0.03 5.59 22.49
CA ASN A 275 -1.30 5.12 22.81
C ASN A 275 -1.84 5.98 23.94
N ALA A 276 -3.05 6.46 23.78
CA ALA A 276 -3.65 7.31 24.78
C ALA A 276 -4.88 6.65 25.35
N ILE A 277 -5.13 6.97 26.62
CA ILE A 277 -6.36 6.63 27.30
C ILE A 277 -7.03 7.94 27.71
N ILE A 278 -8.33 8.02 27.52
CA ILE A 278 -9.07 9.21 27.87
C ILE A 278 -10.23 8.84 28.76
N ALA A 279 -10.20 9.33 29.99
CA ALA A 279 -11.28 9.07 30.94
C ALA A 279 -12.13 10.31 31.15
N PHE A 280 -13.36 10.28 30.66
CA PHE A 280 -14.28 11.40 30.80
C PHE A 280 -14.93 11.44 32.18
N GLU A 281 -15.69 12.50 32.43
CA GLU A 281 -16.28 12.78 33.74
C GLU A 281 -17.23 11.69 34.24
N ASP A 282 -17.79 10.91 33.32
CA ASP A 282 -18.79 9.92 33.68
C ASP A 282 -18.27 8.49 33.64
N ALA A 283 -16.95 8.33 33.63
CA ALA A 283 -16.34 7.01 33.45
C ALA A 283 -16.43 6.13 34.71
N ASP A 284 -16.51 4.83 34.49
CA ASP A 284 -16.45 3.84 35.56
C ASP A 284 -15.00 3.70 36.04
N LEU A 285 -14.68 4.32 37.17
CA LEU A 285 -13.31 4.32 37.66
C LEU A 285 -12.85 2.92 38.04
N SER A 286 -13.82 2.04 38.32
CA SER A 286 -13.51 0.65 38.60
C SER A 286 -13.06 -0.09 37.34
N LEU A 287 -13.30 0.49 36.17
CA LEU A 287 -12.74 -0.03 34.93
C LEU A 287 -11.47 0.72 34.56
N VAL A 288 -11.53 2.05 34.70
CA VAL A 288 -10.41 2.92 34.32
C VAL A 288 -9.10 2.56 35.02
N VAL A 289 -9.12 2.56 36.34
CA VAL A 289 -7.88 2.38 37.11
C VAL A 289 -7.17 1.06 36.80
N PRO A 290 -7.87 -0.09 36.89
CA PRO A 290 -7.13 -1.30 36.52
C PRO A 290 -6.80 -1.37 35.02
N SER A 291 -7.61 -0.75 34.17
CA SER A 291 -7.31 -0.75 32.73
C SER A 291 -5.99 -0.01 32.48
N ALA A 292 -5.93 1.22 32.99
CA ALA A 292 -4.73 2.05 32.87
C ALA A 292 -3.49 1.35 33.44
N LEU A 293 -3.62 0.70 34.59
CA LEU A 293 -2.46 0.07 35.21
C LEU A 293 -1.88 -1.02 34.31
N PHE A 294 -2.73 -1.96 33.89
CA PHE A 294 -2.26 -3.05 33.05
C PHE A 294 -1.78 -2.54 31.68
N ALA A 295 -2.45 -1.54 31.14
CA ALA A 295 -2.05 -0.95 29.86
C ALA A 295 -0.72 -0.18 29.97
N ALA A 296 -0.48 0.41 31.14
CA ALA A 296 0.74 1.20 31.35
C ALA A 296 1.95 0.35 31.72
N VAL A 297 1.76 -0.65 32.58
CA VAL A 297 2.91 -1.35 33.12
C VAL A 297 3.09 -2.77 32.59
N GLY A 298 2.09 -3.30 31.90
CA GLY A 298 2.18 -4.63 31.30
C GLY A 298 3.43 -4.73 30.43
N THR A 299 4.15 -5.84 30.56
CA THR A 299 5.43 -6.05 29.86
C THR A 299 6.40 -4.88 30.14
N ALA A 300 6.29 -4.31 31.34
CA ALA A 300 7.11 -3.18 31.77
C ALA A 300 7.08 -2.04 30.76
N GLY A 301 5.91 -1.80 30.19
CA GLY A 301 5.73 -0.68 29.29
C GLY A 301 6.43 -0.81 27.95
N GLN A 302 6.72 -2.05 27.55
CA GLN A 302 7.44 -2.27 26.30
C GLN A 302 6.57 -2.84 25.18
N ARG A 303 5.25 -2.70 25.30
CA ARG A 303 4.35 -3.16 24.23
C ARG A 303 4.20 -2.08 23.19
N CYS A 304 3.84 -2.45 21.96
CA CYS A 304 3.57 -1.45 20.93
C CYS A 304 2.32 -0.67 21.30
N THR A 305 1.44 -1.33 22.06
CA THR A 305 0.18 -0.75 22.50
C THR A 305 0.20 -0.18 23.92
N THR A 306 1.39 -0.05 24.51
CA THR A 306 1.50 0.50 25.88
C THR A 306 0.92 1.90 25.99
N ALA A 307 0.09 2.12 27.00
CA ALA A 307 -0.46 3.45 27.28
C ALA A 307 0.61 4.34 27.90
N ARG A 308 0.85 5.49 27.29
CA ARG A 308 1.87 6.41 27.78
C ARG A 308 1.26 7.76 28.08
N ARG A 309 0.08 8.01 27.53
CA ARG A 309 -0.64 9.25 27.79
C ARG A 309 -2.04 8.97 28.33
N LEU A 310 -2.29 9.45 29.54
CA LEU A 310 -3.60 9.32 30.17
C LEU A 310 -4.24 10.70 30.40
N PHE A 311 -5.29 10.97 29.63
CA PHE A 311 -6.07 12.20 29.78
C PHE A 311 -7.24 11.95 30.71
N ILE A 312 -7.37 12.76 31.76
CA ILE A 312 -8.42 12.56 32.74
C ILE A 312 -9.21 13.84 32.96
N HIS A 313 -10.53 13.71 33.04
CA HIS A 313 -11.39 14.85 33.29
C HIS A 313 -11.02 15.49 34.63
N GLU A 314 -10.98 16.81 34.66
CA GLU A 314 -10.57 17.56 35.84
C GLU A 314 -11.29 17.11 37.12
N SER A 315 -12.56 16.73 36.97
CA SER A 315 -13.39 16.37 38.13
C SER A 315 -12.93 15.10 38.83
N ILE A 316 -12.24 14.23 38.10
CA ILE A 316 -11.82 12.95 38.67
C ILE A 316 -10.30 12.74 38.63
N HIS A 317 -9.58 13.75 38.14
CA HIS A 317 -8.14 13.64 37.94
C HIS A 317 -7.40 13.19 39.19
N ASP A 318 -7.63 13.88 40.30
CA ASP A 318 -6.93 13.61 41.54
C ASP A 318 -7.21 12.20 42.05
N GLU A 319 -8.48 11.81 42.05
CA GLU A 319 -8.86 10.49 42.54
C GLU A 319 -8.21 9.36 41.75
N VAL A 320 -8.21 9.48 40.42
CA VAL A 320 -7.65 8.44 39.54
C VAL A 320 -6.15 8.29 39.72
N VAL A 321 -5.46 9.41 39.83
CA VAL A 321 -4.01 9.38 40.09
C VAL A 321 -3.72 8.70 41.43
N ASN A 322 -4.49 9.07 42.46
CA ASN A 322 -4.32 8.48 43.78
C ASN A 322 -4.51 6.96 43.77
N ARG A 323 -5.58 6.51 43.11
CA ARG A 323 -5.90 5.09 43.06
C ARG A 323 -4.89 4.31 42.21
N LEU A 324 -4.37 4.97 41.18
CA LEU A 324 -3.26 4.43 40.41
C LEU A 324 -2.01 4.23 41.28
N LYS A 325 -1.71 5.25 42.08
CA LYS A 325 -0.57 5.19 43.00
C LYS A 325 -0.70 3.99 43.94
N LYS A 326 -1.90 3.78 44.48
CA LYS A 326 -2.17 2.64 45.34
C LYS A 326 -1.91 1.33 44.62
N ALA A 327 -2.48 1.22 43.42
CA ALA A 327 -2.36 0.01 42.62
C ALA A 327 -0.92 -0.27 42.23
N TYR A 328 -0.20 0.76 41.80
CA TYR A 328 1.22 0.63 41.45
C TYR A 328 2.04 0.05 42.60
N ALA A 329 1.66 0.40 43.83
CA ALA A 329 2.40 -0.01 45.01
C ALA A 329 2.29 -1.51 45.30
N GLN A 330 1.33 -2.19 44.69
CA GLN A 330 1.12 -3.61 44.93
C GLN A 330 1.80 -4.50 43.88
N ILE A 331 2.39 -3.88 42.86
CA ILE A 331 3.04 -4.61 41.79
C ILE A 331 4.17 -5.51 42.32
N ARG A 332 4.17 -6.77 41.91
CA ARG A 332 5.16 -7.74 42.40
C ARG A 332 6.32 -7.93 41.41
N VAL A 333 7.53 -7.63 41.86
CA VAL A 333 8.72 -7.59 41.03
C VAL A 333 9.66 -8.77 41.28
N GLY A 334 10.22 -9.34 40.21
CA GLY A 334 11.20 -10.39 40.36
C GLY A 334 11.64 -11.00 39.04
N ASN A 335 12.28 -12.17 39.12
CA ASN A 335 12.64 -12.90 37.92
C ASN A 335 11.36 -13.23 37.13
N PRO A 336 11.35 -12.88 35.85
CA PRO A 336 10.12 -12.99 35.04
C PRO A 336 9.68 -14.43 34.76
N TRP A 337 10.57 -15.41 34.89
CA TRP A 337 10.18 -16.81 34.71
C TRP A 337 9.71 -17.48 36.01
N ASP A 338 9.72 -16.73 37.11
CA ASP A 338 9.12 -17.18 38.37
C ASP A 338 7.61 -16.94 38.29
N PRO A 339 6.81 -18.02 38.40
CA PRO A 339 5.35 -17.94 38.25
C PRO A 339 4.65 -16.92 39.18
N ASN A 340 5.31 -16.52 40.26
CA ASN A 340 4.72 -15.56 41.19
C ASN A 340 4.84 -14.09 40.77
N VAL A 341 5.64 -13.80 39.74
CA VAL A 341 6.07 -12.44 39.42
C VAL A 341 5.18 -11.71 38.41
N LEU A 342 4.88 -10.44 38.66
CA LEU A 342 4.00 -9.66 37.78
C LEU A 342 4.73 -8.60 36.93
N TYR A 343 5.98 -8.34 37.27
CA TYR A 343 6.71 -7.22 36.66
C TYR A 343 8.18 -7.54 36.49
N GLY A 344 8.64 -7.57 35.25
CA GLY A 344 10.01 -7.94 34.97
C GLY A 344 10.90 -6.76 34.64
N PRO A 345 12.11 -7.04 34.14
CA PRO A 345 13.08 -6.00 33.80
C PRO A 345 12.81 -5.40 32.43
N LEU A 346 13.39 -4.24 32.18
CA LEU A 346 13.49 -3.73 30.82
C LEU A 346 14.43 -4.63 30.03
N HIS A 347 14.32 -4.60 28.71
CA HIS A 347 15.00 -5.57 27.87
C HIS A 347 16.51 -5.38 27.82
N THR A 348 17.00 -4.15 27.97
CA THR A 348 18.42 -3.85 27.85
C THR A 348 18.88 -2.79 28.85
N LYS A 349 20.19 -2.76 29.11
CA LYS A 349 20.78 -1.67 29.88
C LYS A 349 20.47 -0.30 29.27
N GLN A 350 20.55 -0.24 27.95
CA GLN A 350 20.29 1.01 27.22
C GLN A 350 18.90 1.56 27.50
N ALA A 351 17.91 0.66 27.64
CA ALA A 351 16.55 1.06 27.96
C ALA A 351 16.48 1.75 29.32
N VAL A 352 17.29 1.26 30.26
CA VAL A 352 17.38 1.87 31.57
C VAL A 352 17.91 3.31 31.48
N SER A 353 18.92 3.53 30.65
CA SER A 353 19.45 4.87 30.41
C SER A 353 18.40 5.80 29.77
N MET A 354 17.66 5.28 28.79
CA MET A 354 16.57 6.04 28.18
C MET A 354 15.52 6.41 29.23
N PHE A 355 15.18 5.45 30.08
CA PHE A 355 14.22 5.67 31.17
C PHE A 355 14.66 6.83 32.06
N LEU A 356 15.89 6.75 32.55
CA LEU A 356 16.44 7.80 33.40
C LEU A 356 16.46 9.15 32.68
N GLY A 357 16.80 9.13 31.40
CA GLY A 357 16.86 10.34 30.61
C GLY A 357 15.49 10.98 30.46
N ALA A 358 14.49 10.16 30.17
CA ALA A 358 13.11 10.62 29.99
C ALA A 358 12.57 11.25 31.26
N VAL A 359 12.85 10.61 32.40
CA VAL A 359 12.36 11.09 33.69
C VAL A 359 12.94 12.45 34.04
N GLU A 360 14.26 12.58 33.91
CA GLU A 360 14.94 13.83 34.22
C GLU A 360 14.48 14.94 33.28
N GLU A 361 14.27 14.59 32.02
CA GLU A 361 13.82 15.55 31.03
C GLU A 361 12.38 15.99 31.27
N ALA A 362 11.54 15.07 31.77
CA ALA A 362 10.16 15.41 32.10
C ALA A 362 10.13 16.39 33.26
N LYS A 363 11.01 16.16 34.24
CA LYS A 363 11.20 17.10 35.34
C LYS A 363 11.61 18.47 34.81
N LYS A 364 12.59 18.46 33.90
CA LYS A 364 13.13 19.68 33.32
C LYS A 364 12.06 20.43 32.53
N GLU A 365 11.11 19.68 31.97
CA GLU A 365 10.03 20.32 31.22
C GLU A 365 8.86 20.72 32.12
N GLY A 366 9.03 20.54 33.43
CA GLY A 366 8.07 21.02 34.39
C GLY A 366 7.11 19.98 34.96
N GLY A 367 7.41 18.70 34.74
CA GLY A 367 6.56 17.63 35.22
C GLY A 367 6.86 17.22 36.64
N THR A 368 5.87 16.61 37.29
CA THR A 368 6.02 16.13 38.65
C THR A 368 5.89 14.60 38.72
N VAL A 369 6.94 13.95 39.20
CA VAL A 369 6.90 12.50 39.40
C VAL A 369 6.15 12.18 40.69
N VAL A 370 4.96 11.62 40.56
CA VAL A 370 4.13 11.33 41.72
C VAL A 370 4.28 9.89 42.18
N TYR A 371 4.90 9.06 41.34
CA TYR A 371 5.26 7.70 41.72
C TYR A 371 6.44 7.19 40.90
N GLY A 372 7.35 6.48 41.56
CA GLY A 372 8.49 5.86 40.90
C GLY A 372 9.55 6.83 40.44
N GLY A 373 10.02 6.63 39.20
CA GLY A 373 11.01 7.52 38.61
C GLY A 373 12.45 7.07 38.84
N LYS A 374 12.64 5.99 39.59
CA LYS A 374 13.98 5.51 39.90
C LYS A 374 14.29 4.12 39.36
N VAL A 375 15.57 3.86 39.14
CA VAL A 375 16.04 2.52 38.87
C VAL A 375 15.94 1.72 40.17
N MET A 376 15.58 0.44 40.08
CA MET A 376 15.57 -0.41 41.27
C MET A 376 16.96 -0.96 41.55
N ASP A 377 17.33 -1.00 42.82
CA ASP A 377 18.65 -1.47 43.22
C ASP A 377 18.68 -2.99 43.36
N ARG A 378 18.78 -3.67 42.24
CA ARG A 378 18.83 -5.11 42.18
C ARG A 378 19.44 -5.50 40.85
N PRO A 379 20.00 -6.72 40.74
CA PRO A 379 20.58 -7.12 39.46
C PRO A 379 19.57 -7.07 38.33
N GLY A 380 20.05 -6.86 37.12
CA GLY A 380 19.18 -6.78 35.96
C GLY A 380 18.80 -5.35 35.63
N ASN A 381 17.87 -5.21 34.70
CA ASN A 381 17.44 -3.91 34.22
C ASN A 381 16.09 -3.47 34.76
N TYR A 382 15.94 -3.45 36.08
CA TYR A 382 14.66 -3.11 36.68
C TYR A 382 14.53 -1.61 36.94
N VAL A 383 13.41 -1.05 36.51
CA VAL A 383 13.08 0.32 36.89
C VAL A 383 11.69 0.39 37.51
N GLU A 384 11.46 1.43 38.30
CA GLU A 384 10.15 1.64 38.91
C GLU A 384 9.12 2.10 37.87
N PRO A 385 7.93 1.49 37.89
CA PRO A 385 6.86 2.03 37.04
C PRO A 385 6.54 3.43 37.54
N THR A 386 6.35 4.36 36.61
CA THR A 386 6.39 5.79 36.94
C THR A 386 5.14 6.50 36.43
N ILE A 387 4.64 7.42 37.25
CA ILE A 387 3.52 8.30 36.90
C ILE A 387 3.97 9.76 36.99
N VAL A 388 3.81 10.49 35.88
CA VAL A 388 4.23 11.88 35.79
C VAL A 388 3.04 12.79 35.53
N THR A 389 2.77 13.70 36.46
CA THR A 389 1.69 14.68 36.29
C THR A 389 2.25 16.07 36.09
N GLY A 390 1.41 16.99 35.61
CA GLY A 390 1.79 18.38 35.54
C GLY A 390 2.35 18.84 34.22
N LEU A 391 2.62 17.90 33.32
CA LEU A 391 3.08 18.27 31.99
C LEU A 391 1.94 18.81 31.16
N GLY A 392 2.26 19.68 30.20
CA GLY A 392 1.27 20.18 29.27
C GLY A 392 1.15 19.22 28.11
N HIS A 393 -0.02 19.21 27.46
CA HIS A 393 -0.30 18.28 26.37
C HIS A 393 0.79 18.28 25.29
N ASP A 394 1.35 19.46 25.06
CA ASP A 394 2.33 19.68 24.00
C ASP A 394 3.73 19.14 24.32
N ALA A 395 3.99 18.87 25.60
CA ALA A 395 5.31 18.49 26.10
C ALA A 395 6.06 17.51 25.19
N SER A 396 7.25 17.90 24.75
CA SER A 396 8.00 17.16 23.75
C SER A 396 8.38 15.74 24.21
N ILE A 397 8.73 15.60 25.50
CA ILE A 397 9.18 14.31 26.01
C ILE A 397 8.03 13.30 26.04
N ALA A 398 6.80 13.80 26.15
CA ALA A 398 5.63 12.94 26.25
C ALA A 398 5.21 12.39 24.89
N HIS A 399 5.79 12.92 23.82
CA HIS A 399 5.47 12.48 22.48
C HIS A 399 6.58 11.59 21.91
N THR A 400 7.69 11.52 22.63
CA THR A 400 8.76 10.58 22.30
C THR A 400 8.40 9.22 22.89
N GLU A 401 8.46 8.17 22.06
CA GLU A 401 8.08 6.84 22.51
C GLU A 401 9.25 6.13 23.20
N THR A 402 9.37 6.34 24.51
CA THR A 402 10.38 5.67 25.30
C THR A 402 9.84 4.34 25.79
N PHE A 403 10.41 3.23 25.32
CA PHE A 403 9.94 1.92 25.73
C PHE A 403 10.31 1.63 27.18
N ALA A 404 9.59 2.29 28.07
CA ALA A 404 9.76 2.18 29.51
C ALA A 404 8.41 2.49 30.14
N PRO A 405 8.20 2.05 31.39
CA PRO A 405 6.90 2.31 32.01
C PRO A 405 6.83 3.71 32.62
N ILE A 406 6.65 4.72 31.78
CA ILE A 406 6.36 6.07 32.25
C ILE A 406 4.98 6.49 31.73
N LEU A 407 4.06 6.75 32.64
CA LEU A 407 2.74 7.20 32.27
C LEU A 407 2.63 8.71 32.45
N TYR A 408 2.35 9.42 31.36
CA TYR A 408 2.18 10.87 31.43
C TYR A 408 0.70 11.19 31.60
N VAL A 409 0.37 11.95 32.63
CA VAL A 409 -1.03 12.21 32.93
C VAL A 409 -1.40 13.68 32.67
N PHE A 410 -2.51 13.89 31.98
CA PHE A 410 -3.00 15.23 31.65
C PHE A 410 -4.43 15.44 32.14
N LYS A 411 -4.75 16.68 32.50
CA LYS A 411 -6.11 17.04 32.87
C LYS A 411 -6.80 17.73 31.70
N PHE A 412 -8.13 17.59 31.61
CA PHE A 412 -8.91 18.33 30.63
C PHE A 412 -10.28 18.64 31.19
N LYS A 413 -10.94 19.65 30.61
CA LYS A 413 -12.22 20.15 31.10
C LYS A 413 -13.40 19.61 30.29
N ASN A 414 -13.30 19.72 28.97
CA ASN A 414 -14.41 19.32 28.11
C ASN A 414 -13.96 18.45 26.93
N GLU A 415 -14.93 17.87 26.25
CA GLU A 415 -14.68 16.92 25.16
C GLU A 415 -13.92 17.56 23.99
N GLU A 416 -14.21 18.82 23.71
CA GLU A 416 -13.65 19.49 22.54
C GLU A 416 -12.12 19.56 22.60
N GLU A 417 -11.58 20.03 23.72
CA GLU A 417 -10.13 20.24 23.80
C GLU A 417 -9.35 18.93 23.84
N VAL A 418 -9.83 17.94 24.59
CA VAL A 418 -9.12 16.67 24.72
C VAL A 418 -9.08 15.94 23.39
N PHE A 419 -10.15 16.07 22.61
CA PHE A 419 -10.19 15.44 21.29
C PHE A 419 -9.22 16.15 20.36
N ALA A 420 -9.15 17.47 20.49
CA ALA A 420 -8.23 18.27 19.70
C ALA A 420 -6.78 17.92 20.02
N TRP A 421 -6.47 17.86 21.31
CA TRP A 421 -5.14 17.50 21.78
C TRP A 421 -4.64 16.17 21.20
N ASN A 422 -5.51 15.17 21.23
CA ASN A 422 -5.14 13.84 20.75
C ASN A 422 -5.02 13.78 19.23
N ASN A 423 -5.86 14.54 18.54
CA ASN A 423 -5.87 14.57 17.08
C ASN A 423 -4.69 15.39 16.52
N GLU A 424 -3.86 15.90 17.42
CA GLU A 424 -2.66 16.63 17.02
C GLU A 424 -1.46 15.70 17.00
N VAL A 425 -1.66 14.46 17.45
CA VAL A 425 -0.59 13.46 17.47
C VAL A 425 -0.59 12.70 16.15
N LYS A 426 0.60 12.30 15.71
CA LYS A 426 0.77 11.74 14.37
C LYS A 426 0.75 10.21 14.35
N GLN A 427 1.72 9.59 15.01
CA GLN A 427 1.94 8.15 14.89
C GLN A 427 0.87 7.29 15.56
N GLY A 428 0.01 7.92 16.37
CA GLY A 428 -1.02 7.26 17.16
C GLY A 428 -1.48 5.87 16.73
N LEU A 429 -1.19 4.88 17.58
CA LEU A 429 -1.52 3.50 17.25
C LEU A 429 -2.91 3.10 17.76
N SER A 430 -3.17 3.32 19.04
CA SER A 430 -4.48 3.01 19.61
C SER A 430 -4.97 4.10 20.55
N SER A 431 -6.29 4.16 20.72
CA SER A 431 -6.96 5.14 21.54
C SER A 431 -8.06 4.44 22.34
N SER A 432 -8.03 4.61 23.65
CA SER A 432 -9.03 3.99 24.52
C SER A 432 -9.80 5.03 25.30
N ILE A 433 -11.11 5.09 25.09
CA ILE A 433 -11.93 6.03 25.85
C ILE A 433 -12.80 5.31 26.88
N PHE A 434 -12.98 5.98 28.00
CA PHE A 434 -13.87 5.48 29.03
C PHE A 434 -14.94 6.53 29.28
N THR A 435 -16.16 6.16 28.95
CA THR A 435 -17.30 7.06 29.09
C THR A 435 -18.57 6.24 28.97
N LYS A 436 -19.69 6.81 29.41
CA LYS A 436 -20.97 6.12 29.31
C LYS A 436 -21.87 6.85 28.31
N ASP A 437 -21.43 8.03 27.88
CA ASP A 437 -22.13 8.82 26.87
C ASP A 437 -22.02 8.13 25.51
N LEU A 438 -23.15 7.69 24.97
CA LEU A 438 -23.16 6.91 23.74
C LEU A 438 -22.90 7.78 22.53
N GLY A 439 -23.43 9.01 22.55
CA GLY A 439 -23.23 9.93 21.45
C GLY A 439 -21.77 10.29 21.27
N ARG A 440 -21.10 10.55 22.39
CA ARG A 440 -19.68 10.86 22.39
C ARG A 440 -18.85 9.72 21.84
N ILE A 441 -19.27 8.49 22.12
CA ILE A 441 -18.59 7.30 21.63
C ILE A 441 -18.68 7.22 20.10
N PHE A 442 -19.86 7.52 19.57
CA PHE A 442 -20.07 7.53 18.12
C PHE A 442 -19.20 8.58 17.45
N ARG A 443 -19.17 9.79 18.03
CA ARG A 443 -18.29 10.85 17.53
C ARG A 443 -16.81 10.43 17.48
N TRP A 444 -16.36 9.70 18.49
CA TRP A 444 -14.94 9.31 18.55
C TRP A 444 -14.60 8.16 17.60
N LEU A 445 -15.59 7.31 17.28
CA LEU A 445 -15.38 6.19 16.38
C LEU A 445 -15.59 6.59 14.92
N GLY A 446 -16.30 7.69 14.72
CA GLY A 446 -16.70 8.13 13.39
C GLY A 446 -15.63 8.91 12.64
N PRO A 447 -16.01 9.49 11.50
CA PRO A 447 -15.07 10.18 10.62
C PRO A 447 -14.38 11.37 11.30
N LYS A 448 -15.04 12.00 12.27
CA LYS A 448 -14.46 13.17 12.93
C LYS A 448 -13.79 12.81 14.25
N GLY A 449 -13.61 11.52 14.48
CA GLY A 449 -13.04 11.06 15.74
C GLY A 449 -11.57 10.70 15.68
N SER A 450 -11.19 9.65 16.40
CA SER A 450 -9.79 9.22 16.46
C SER A 450 -9.27 8.80 15.10
N ASP A 451 -8.03 9.13 14.81
CA ASP A 451 -7.40 8.68 13.56
C ASP A 451 -6.67 7.34 13.74
N CYS A 452 -6.75 6.77 14.95
CA CYS A 452 -6.01 5.55 15.25
C CYS A 452 -6.59 4.30 14.58
N GLY A 453 -5.73 3.31 14.34
CA GLY A 453 -6.15 2.07 13.73
C GLY A 453 -6.90 1.17 14.70
N ILE A 454 -6.66 1.41 15.99
CA ILE A 454 -7.33 0.64 17.04
C ILE A 454 -8.03 1.60 17.98
N VAL A 455 -9.34 1.43 18.15
CA VAL A 455 -10.08 2.29 19.08
C VAL A 455 -10.87 1.41 20.05
N ASN A 456 -10.72 1.68 21.34
CA ASN A 456 -11.37 0.87 22.36
C ASN A 456 -12.30 1.71 23.22
N VAL A 457 -13.45 1.15 23.56
CA VAL A 457 -14.41 1.85 24.39
C VAL A 457 -14.59 1.04 25.67
N ASN A 458 -14.36 1.69 26.82
CA ASN A 458 -14.46 1.06 28.14
C ASN A 458 -13.66 -0.24 28.28
N ILE A 459 -12.54 -0.28 27.58
CA ILE A 459 -11.59 -1.37 27.64
C ILE A 459 -10.25 -0.81 27.16
N PRO A 460 -9.12 -1.28 27.73
CA PRO A 460 -7.83 -0.81 27.21
C PRO A 460 -7.52 -1.42 25.84
N SER A 484 -11.40 -10.71 6.91
CA SER A 484 -10.56 -11.91 6.75
C SER A 484 -9.94 -11.95 5.36
N ASP A 485 -9.54 -10.80 4.87
CA ASP A 485 -8.79 -10.71 3.62
C ASP A 485 -7.34 -10.37 3.96
N ALA A 486 -6.89 -10.85 5.11
CA ALA A 486 -5.52 -10.68 5.55
C ALA A 486 -4.57 -11.28 4.54
N TRP A 487 -4.98 -12.38 3.92
CA TRP A 487 -4.13 -13.10 2.98
C TRP A 487 -3.78 -12.28 1.73
N LYS A 488 -4.66 -11.36 1.34
CA LYS A 488 -4.40 -10.56 0.15
C LYS A 488 -3.12 -9.74 0.26
N GLN A 489 -2.72 -9.40 1.47
CA GLN A 489 -1.48 -8.62 1.70
C GLN A 489 -0.24 -9.39 1.28
N TYR A 490 -0.36 -10.72 1.23
CA TYR A 490 0.79 -11.56 0.89
C TYR A 490 0.67 -12.17 -0.50
N MET A 491 -0.24 -11.65 -1.31
CA MET A 491 -0.37 -12.15 -2.66
C MET A 491 -0.44 -11.02 -3.66
N ARG A 492 -0.31 -11.35 -4.94
CA ARG A 492 -0.43 -10.34 -5.98
C ARG A 492 -1.61 -10.67 -6.86
N ARG A 493 -2.37 -9.63 -7.18
CA ARG A 493 -3.60 -9.74 -7.94
C ARG A 493 -3.36 -9.46 -9.41
N SER A 494 -4.00 -10.24 -10.28
CA SER A 494 -4.02 -9.92 -11.70
C SER A 494 -5.44 -10.05 -12.21
N THR A 495 -5.75 -9.24 -13.21
CA THR A 495 -7.01 -9.38 -13.92
C THR A 495 -6.75 -10.13 -15.22
N CYS A 496 -7.36 -11.31 -15.34
CA CYS A 496 -7.11 -12.18 -16.48
C CYS A 496 -8.35 -12.25 -17.35
N THR A 497 -8.18 -11.96 -18.63
CA THR A 497 -9.30 -12.04 -19.57
C THR A 497 -9.07 -13.16 -20.57
N ILE A 498 -10.02 -14.07 -20.67
CA ILE A 498 -9.87 -15.20 -21.59
C ILE A 498 -10.95 -15.18 -22.65
N ASN A 499 -10.53 -15.12 -23.90
CA ASN A 499 -11.44 -15.18 -25.03
C ASN A 499 -11.50 -16.62 -25.53
N TYR A 500 -12.66 -17.25 -25.38
CA TYR A 500 -12.80 -18.63 -25.84
C TYR A 500 -13.80 -18.73 -27.00
N SER A 501 -14.25 -17.59 -27.50
CA SER A 501 -15.22 -17.56 -28.58
C SER A 501 -14.57 -17.59 -29.96
N THR B 5 -5.17 33.56 -33.98
CA THR B 5 -6.30 33.89 -33.13
C THR B 5 -6.94 32.62 -32.55
N LEU B 6 -7.62 32.78 -31.43
CA LEU B 6 -8.11 31.62 -30.68
C LEU B 6 -9.25 30.92 -31.40
N LEU B 7 -9.23 29.59 -31.41
CA LEU B 7 -10.32 28.85 -32.02
C LEU B 7 -11.66 29.20 -31.37
N ILE B 8 -11.66 29.40 -30.05
CA ILE B 8 -12.90 29.68 -29.33
C ILE B 8 -13.50 31.02 -29.77
N ASN B 9 -12.72 31.89 -30.38
CA ASN B 9 -13.27 33.15 -30.88
C ASN B 9 -13.77 33.05 -32.32
N GLN B 10 -13.67 31.86 -32.91
CA GLN B 10 -14.13 31.64 -34.29
C GLN B 10 -15.52 31.02 -34.26
N PRO B 11 -16.39 31.41 -35.21
CA PRO B 11 -17.80 31.01 -35.20
C PRO B 11 -18.07 29.51 -35.21
N GLN B 12 -17.24 28.73 -35.92
CA GLN B 12 -17.48 27.29 -35.99
C GLN B 12 -17.16 26.56 -34.69
N TYR B 13 -16.52 27.24 -33.74
CA TYR B 13 -16.22 26.63 -32.45
C TYR B 13 -17.10 27.20 -31.34
N ALA B 14 -18.23 27.78 -31.71
CA ALA B 14 -19.12 28.41 -30.75
C ALA B 14 -19.68 27.37 -29.77
N TRP B 15 -19.70 26.11 -30.18
CA TRP B 15 -20.19 25.03 -29.32
C TRP B 15 -19.41 24.93 -28.00
N LEU B 16 -18.17 25.41 -28.01
CA LEU B 16 -17.35 25.36 -26.81
C LEU B 16 -17.98 26.15 -25.66
N LYS B 17 -18.74 27.19 -26.00
CA LYS B 17 -19.41 27.99 -24.98
C LYS B 17 -20.49 27.21 -24.24
N GLU B 18 -20.94 26.10 -24.82
CA GLU B 18 -21.93 25.27 -24.14
C GLU B 18 -21.31 24.59 -22.93
N LEU B 19 -19.97 24.61 -22.87
CA LEU B 19 -19.25 24.02 -21.77
C LEU B 19 -18.84 25.10 -20.77
N GLY B 20 -19.29 26.33 -20.99
CA GLY B 20 -18.97 27.41 -20.09
C GLY B 20 -17.56 27.95 -20.32
N LEU B 21 -16.95 27.59 -21.45
CA LEU B 21 -15.59 28.06 -21.75
C LEU B 21 -15.60 29.43 -22.43
N ARG B 22 -14.51 30.18 -22.24
CA ARG B 22 -14.34 31.53 -22.77
C ARG B 22 -12.91 31.66 -23.33
N GLU B 23 -12.59 32.83 -23.88
CA GLU B 23 -11.22 33.13 -24.32
C GLU B 23 -10.23 32.90 -23.19
N GLU B 24 -10.51 33.44 -22.01
CA GLU B 24 -9.64 33.20 -20.89
C GLU B 24 -10.44 32.64 -19.72
N ASN B 25 -9.97 31.50 -19.21
CA ASN B 25 -10.72 30.72 -18.24
C ASN B 25 -10.03 30.65 -16.89
N GLU B 26 -10.81 30.55 -15.83
CA GLU B 26 -10.27 30.35 -14.50
C GLU B 26 -9.94 28.88 -14.32
N GLY B 27 -8.74 28.60 -13.80
CA GLY B 27 -8.28 27.23 -13.63
C GLY B 27 -8.27 26.75 -12.20
N VAL B 28 -8.84 27.56 -11.31
CA VAL B 28 -8.98 27.16 -9.92
C VAL B 28 -10.46 27.16 -9.55
N TYR B 29 -10.94 26.07 -8.97
CA TYR B 29 -12.30 26.04 -8.41
C TYR B 29 -12.26 25.47 -6.99
N ASN B 30 -12.89 26.16 -6.05
CA ASN B 30 -12.96 25.67 -4.69
C ASN B 30 -14.28 26.06 -4.05
N GLY B 31 -15.32 26.16 -4.89
CA GLY B 31 -16.59 26.72 -4.46
C GLY B 31 -16.83 28.04 -5.18
N SER B 32 -15.73 28.72 -5.48
CA SER B 32 -15.67 29.89 -6.38
C SER B 32 -14.59 29.64 -7.40
N TRP B 33 -14.65 30.37 -8.52
CA TRP B 33 -13.64 30.26 -9.58
C TRP B 33 -12.58 31.36 -9.48
N GLY B 34 -11.34 31.04 -9.83
CA GLY B 34 -10.29 32.03 -9.78
C GLY B 34 -9.01 31.52 -10.42
N GLY B 35 -7.88 32.08 -10.05
CA GLY B 35 -6.62 31.70 -10.64
C GLY B 35 -5.75 32.93 -10.76
N ARG B 36 -4.70 32.98 -9.96
CA ARG B 36 -3.76 34.09 -9.99
C ARG B 36 -2.37 33.63 -10.44
N GLY B 37 -2.25 32.37 -10.85
CA GLY B 37 -0.98 31.82 -11.30
C GLY B 37 -0.72 32.17 -12.76
N GLU B 38 0.16 31.40 -13.42
CA GLU B 38 0.53 31.67 -14.80
C GLU B 38 -0.58 31.26 -15.76
N VAL B 39 -0.70 31.98 -16.87
CA VAL B 39 -1.65 31.60 -17.90
C VAL B 39 -1.04 30.48 -18.75
N ILE B 40 -1.89 29.59 -19.25
CA ILE B 40 -1.44 28.60 -20.21
C ILE B 40 -2.42 28.58 -21.38
N THR B 41 -1.89 28.56 -22.58
CA THR B 41 -2.70 28.43 -23.80
C THR B 41 -2.64 26.98 -24.26
N THR B 42 -3.77 26.31 -24.48
CA THR B 42 -3.66 24.96 -25.00
C THR B 42 -3.95 24.97 -26.49
N TYR B 43 -3.39 23.98 -27.17
CA TYR B 43 -3.39 23.93 -28.62
C TYR B 43 -4.13 22.69 -29.13
N CYS B 44 -4.76 22.84 -30.28
CA CYS B 44 -5.42 21.72 -30.97
C CYS B 44 -4.37 20.98 -31.78
N PRO B 45 -4.11 19.71 -31.43
CA PRO B 45 -3.03 18.99 -32.11
C PRO B 45 -3.35 18.62 -33.56
N ALA B 46 -4.60 18.78 -33.99
CA ALA B 46 -4.95 18.51 -35.38
C ALA B 46 -4.50 19.63 -36.30
N ASN B 47 -4.33 20.84 -35.78
CA ASN B 47 -3.93 21.96 -36.65
C ASN B 47 -2.87 22.87 -36.02
N ASN B 48 -2.47 22.54 -34.79
CA ASN B 48 -1.52 23.34 -34.02
C ASN B 48 -1.96 24.78 -33.82
N GLU B 49 -3.27 25.01 -33.70
CA GLU B 49 -3.77 26.36 -33.43
C GLU B 49 -4.22 26.48 -31.99
N PRO B 50 -4.02 27.66 -31.38
CA PRO B 50 -4.42 27.85 -29.98
C PRO B 50 -5.93 27.83 -29.82
N ILE B 51 -6.42 27.12 -28.81
CA ILE B 51 -7.85 27.00 -28.56
C ILE B 51 -8.40 28.12 -27.69
N ALA B 52 -7.82 28.26 -26.50
CA ALA B 52 -8.23 29.23 -25.48
C ALA B 52 -7.17 29.21 -24.37
N ARG B 53 -7.33 30.06 -23.36
CA ARG B 53 -6.35 30.18 -22.29
C ARG B 53 -6.95 29.85 -20.93
N VAL B 54 -6.10 29.39 -20.01
CA VAL B 54 -6.53 29.07 -18.65
C VAL B 54 -5.56 29.70 -17.67
N ARG B 55 -6.07 30.42 -16.67
CA ARG B 55 -5.20 30.94 -15.62
C ARG B 55 -5.05 29.91 -14.51
N GLN B 56 -3.81 29.49 -14.30
CA GLN B 56 -3.51 28.38 -13.40
C GLN B 56 -3.40 28.84 -11.95
N ALA B 57 -3.30 27.88 -11.04
CA ALA B 57 -3.14 28.18 -9.62
C ALA B 57 -1.80 28.81 -9.28
N SER B 58 -1.83 29.83 -8.43
CA SER B 58 -0.64 30.29 -7.73
C SER B 58 -0.50 29.51 -6.42
N VAL B 59 0.56 29.74 -5.66
CA VAL B 59 0.69 29.09 -4.36
C VAL B 59 -0.45 29.51 -3.43
N ALA B 60 -0.77 30.80 -3.42
CA ALA B 60 -1.89 31.30 -2.63
C ALA B 60 -3.20 30.60 -3.00
N ASP B 61 -3.43 30.39 -4.30
CA ASP B 61 -4.64 29.69 -4.74
C ASP B 61 -4.68 28.27 -4.17
N TYR B 62 -3.56 27.56 -4.26
CA TYR B 62 -3.48 26.18 -3.78
C TYR B 62 -3.75 26.11 -2.28
N GLU B 63 -3.14 27.02 -1.53
CA GLU B 63 -3.34 27.08 -0.09
C GLU B 63 -4.80 27.32 0.29
N GLU B 64 -5.42 28.31 -0.33
CA GLU B 64 -6.82 28.61 -0.08
C GLU B 64 -7.72 27.44 -0.44
N THR B 65 -7.40 26.76 -1.53
CA THR B 65 -8.24 25.64 -1.99
C THR B 65 -8.17 24.44 -1.03
N VAL B 66 -6.96 24.08 -0.61
CA VAL B 66 -6.79 22.98 0.34
C VAL B 66 -7.57 23.29 1.61
N LYS B 67 -7.45 24.52 2.10
CA LYS B 67 -8.20 24.93 3.29
C LYS B 67 -9.71 24.84 3.09
N LYS B 68 -10.21 25.34 1.96
CA LYS B 68 -11.66 25.29 1.73
C LYS B 68 -12.14 23.84 1.58
N ALA B 69 -11.35 22.97 0.96
CA ALA B 69 -11.73 21.57 0.79
C ALA B 69 -11.83 20.87 2.14
N ARG B 70 -10.89 21.15 3.04
CA ARG B 70 -10.91 20.49 4.34
C ARG B 70 -12.09 20.99 5.18
N GLU B 71 -12.45 22.26 5.02
CA GLU B 71 -13.69 22.78 5.63
C GLU B 71 -14.95 22.16 5.00
N ALA B 72 -14.96 22.03 3.67
CA ALA B 72 -16.09 21.36 2.99
C ALA B 72 -16.25 19.92 3.47
N TRP B 73 -15.13 19.28 3.80
CA TRP B 73 -15.18 17.88 4.25
C TRP B 73 -16.00 17.69 5.53
N LYS B 74 -16.01 18.69 6.41
CA LYS B 74 -16.77 18.61 7.66
C LYS B 74 -18.26 18.42 7.41
N ILE B 75 -18.74 18.99 6.30
CA ILE B 75 -20.11 18.85 5.89
C ILE B 75 -20.33 17.53 5.15
N TRP B 76 -19.44 17.25 4.21
CA TRP B 76 -19.57 16.11 3.30
C TRP B 76 -19.49 14.79 4.04
N ALA B 77 -18.55 14.68 4.98
CA ALA B 77 -18.36 13.41 5.70
C ALA B 77 -19.58 13.03 6.54
N ASP B 78 -20.43 14.01 6.82
CA ASP B 78 -21.65 13.78 7.62
C ASP B 78 -22.84 13.36 6.77
N ILE B 79 -22.70 13.44 5.45
CA ILE B 79 -23.76 13.00 4.55
C ILE B 79 -23.67 11.49 4.32
N PRO B 80 -24.77 10.76 4.60
CA PRO B 80 -24.83 9.30 4.44
C PRO B 80 -24.35 8.85 3.06
N ALA B 81 -23.57 7.79 3.01
CA ALA B 81 -23.02 7.25 1.76
C ALA B 81 -24.06 7.11 0.63
N PRO B 82 -25.26 6.54 0.90
CA PRO B 82 -26.23 6.48 -0.20
C PRO B 82 -26.64 7.85 -0.75
N LYS B 83 -26.69 8.87 0.10
CA LYS B 83 -26.97 10.23 -0.39
C LYS B 83 -25.79 10.82 -1.16
N ARG B 84 -24.57 10.52 -0.75
CA ARG B 84 -23.40 10.87 -1.54
C ARG B 84 -23.45 10.18 -2.91
N GLY B 85 -23.91 8.94 -2.92
CA GLY B 85 -24.11 8.22 -4.17
C GLY B 85 -25.11 8.90 -5.10
N GLU B 86 -26.16 9.49 -4.54
CA GLU B 86 -27.15 10.19 -5.35
C GLU B 86 -26.55 11.46 -5.98
N ILE B 87 -25.63 12.10 -5.28
CA ILE B 87 -24.91 13.22 -5.89
C ILE B 87 -24.10 12.71 -7.08
N VAL B 88 -23.39 11.61 -6.88
CA VAL B 88 -22.59 11.06 -7.97
C VAL B 88 -23.49 10.64 -9.12
N ARG B 89 -24.68 10.09 -8.82
CA ARG B 89 -25.64 9.77 -9.87
C ARG B 89 -26.01 11.03 -10.68
N GLN B 90 -26.21 12.15 -10.00
CA GLN B 90 -26.58 13.39 -10.68
C GLN B 90 -25.43 13.93 -11.52
N ILE B 91 -24.19 13.69 -11.08
CA ILE B 91 -23.04 14.06 -11.90
C ILE B 91 -23.06 13.23 -13.19
N GLY B 92 -23.34 11.93 -13.08
CA GLY B 92 -23.46 11.08 -14.26
C GLY B 92 -24.51 11.60 -15.25
N ASP B 93 -25.66 12.02 -14.71
CA ASP B 93 -26.72 12.55 -15.55
C ASP B 93 -26.29 13.87 -16.23
N ALA B 94 -25.59 14.72 -15.49
CA ALA B 94 -25.12 15.98 -16.04
C ALA B 94 -24.08 15.78 -17.15
N LEU B 95 -23.22 14.77 -16.98
CA LEU B 95 -22.27 14.42 -18.03
C LEU B 95 -23.01 13.92 -19.26
N ARG B 96 -24.04 13.10 -19.04
CA ARG B 96 -24.88 12.59 -20.13
C ARG B 96 -25.40 13.70 -21.00
N GLU B 97 -25.91 14.74 -20.36
CA GLU B 97 -26.54 15.86 -21.05
C GLU B 97 -25.53 16.64 -21.88
N LYS B 98 -24.25 16.52 -21.55
CA LYS B 98 -23.19 17.24 -22.24
C LYS B 98 -22.28 16.33 -23.05
N ILE B 99 -22.68 15.07 -23.24
CA ILE B 99 -21.71 14.08 -23.69
C ILE B 99 -21.13 14.38 -25.08
N GLN B 100 -21.96 14.85 -26.01
CA GLN B 100 -21.44 15.18 -27.34
C GLN B 100 -20.47 16.36 -27.30
N VAL B 101 -20.81 17.44 -26.61
CA VAL B 101 -19.92 18.60 -26.61
C VAL B 101 -18.67 18.33 -25.78
N LEU B 102 -18.80 17.58 -24.68
CA LEU B 102 -17.61 17.30 -23.86
C LEU B 102 -16.68 16.31 -24.59
N GLY B 103 -17.28 15.33 -25.26
CA GLY B 103 -16.49 14.41 -26.06
C GLY B 103 -15.77 15.09 -27.21
N SER B 104 -16.43 16.07 -27.83
CA SER B 104 -15.78 16.86 -28.88
C SER B 104 -14.61 17.69 -28.34
N LEU B 105 -14.74 18.18 -27.11
CA LEU B 105 -13.63 18.94 -26.50
C LEU B 105 -12.44 18.03 -26.26
N VAL B 106 -12.70 16.82 -25.79
CA VAL B 106 -11.62 15.85 -25.57
C VAL B 106 -10.92 15.61 -26.89
N SER B 107 -11.69 15.46 -27.96
CA SER B 107 -11.09 15.32 -29.29
C SER B 107 -10.31 16.55 -29.72
N LEU B 108 -10.85 17.73 -29.44
CA LEU B 108 -10.22 18.97 -29.88
C LEU B 108 -8.90 19.26 -29.15
N GLU B 109 -8.88 19.03 -27.85
CA GLU B 109 -7.73 19.42 -27.04
C GLU B 109 -6.75 18.27 -26.88
N MET B 110 -7.25 17.04 -26.74
CA MET B 110 -6.33 15.92 -26.57
C MET B 110 -5.93 15.29 -27.93
N GLY B 111 -6.88 15.20 -28.85
CA GLY B 111 -6.57 14.74 -30.20
C GLY B 111 -7.07 13.36 -30.56
N LYS B 112 -7.68 12.66 -29.61
CA LYS B 112 -8.20 11.32 -29.90
C LYS B 112 -9.45 11.43 -30.78
N ILE B 113 -9.75 10.39 -31.55
CA ILE B 113 -10.89 10.44 -32.46
C ILE B 113 -12.20 10.55 -31.68
N LEU B 114 -13.20 11.14 -32.33
CA LEU B 114 -14.45 11.53 -31.66
C LEU B 114 -15.13 10.36 -30.96
N VAL B 115 -15.16 9.20 -31.59
CA VAL B 115 -15.80 8.04 -30.96
C VAL B 115 -15.09 7.70 -29.63
N GLU B 116 -13.79 7.96 -29.54
CA GLU B 116 -13.05 7.72 -28.31
C GLU B 116 -13.24 8.85 -27.28
N GLY B 117 -13.34 10.09 -27.77
CA GLY B 117 -13.63 11.24 -26.93
C GLY B 117 -14.97 11.05 -26.25
N VAL B 118 -16.00 10.80 -27.06
CA VAL B 118 -17.34 10.51 -26.54
C VAL B 118 -17.31 9.27 -25.67
N GLY B 119 -16.55 8.27 -26.10
CA GLY B 119 -16.50 7.03 -25.35
C GLY B 119 -15.85 7.20 -23.98
N GLU B 120 -14.91 8.14 -23.86
CA GLU B 120 -14.27 8.38 -22.58
C GLU B 120 -15.26 9.03 -21.59
N VAL B 121 -16.06 9.95 -22.11
CA VAL B 121 -17.08 10.58 -21.29
C VAL B 121 -18.11 9.51 -20.89
N GLN B 122 -18.47 8.62 -21.82
CA GLN B 122 -19.39 7.53 -21.50
C GLN B 122 -18.88 6.62 -20.38
N GLU B 123 -17.58 6.40 -20.35
CA GLU B 123 -16.99 5.60 -19.29
C GLU B 123 -17.19 6.28 -17.92
N TYR B 124 -17.01 7.60 -17.87
CA TYR B 124 -17.24 8.36 -16.64
C TYR B 124 -18.74 8.24 -16.25
N VAL B 125 -19.63 8.43 -17.21
CA VAL B 125 -21.06 8.18 -16.95
C VAL B 125 -21.30 6.78 -16.36
N ASP B 126 -20.73 5.74 -16.96
CA ASP B 126 -20.92 4.37 -16.48
C ASP B 126 -20.37 4.16 -15.06
N ILE B 127 -19.26 4.83 -14.77
CA ILE B 127 -18.64 4.80 -13.46
C ILE B 127 -19.60 5.42 -12.43
N CYS B 128 -20.21 6.55 -12.79
CA CYS B 128 -21.17 7.17 -11.90
C CYS B 128 -22.36 6.22 -11.66
N ASP B 129 -22.86 5.58 -12.71
CA ASP B 129 -23.97 4.63 -12.55
C ASP B 129 -23.60 3.48 -11.63
N TYR B 130 -22.35 3.02 -11.75
CA TYR B 130 -21.81 1.96 -10.92
C TYR B 130 -21.70 2.38 -9.45
N ALA B 131 -21.24 3.61 -9.25
CA ALA B 131 -20.95 4.10 -7.90
C ALA B 131 -22.23 4.26 -7.07
N VAL B 132 -23.36 4.50 -7.74
CA VAL B 132 -24.64 4.66 -7.03
C VAL B 132 -24.94 3.39 -6.24
N GLY B 133 -24.81 2.25 -6.90
CA GLY B 133 -24.99 0.95 -6.26
C GLY B 133 -23.92 0.66 -5.22
N LEU B 134 -22.66 0.96 -5.56
CA LEU B 134 -21.56 0.69 -4.63
C LEU B 134 -21.72 1.46 -3.31
N SER B 135 -22.31 2.64 -3.37
CA SER B 135 -22.48 3.48 -2.17
C SER B 135 -23.35 2.84 -1.10
N ARG B 136 -24.17 1.85 -1.49
CA ARG B 136 -25.02 1.14 -0.54
C ARG B 136 -24.34 -0.13 -0.01
N MET B 137 -23.11 -0.35 -0.43
CA MET B 137 -22.40 -1.59 -0.11
C MET B 137 -21.15 -1.40 0.73
N ILE B 138 -20.77 -0.15 1.00
CA ILE B 138 -19.52 0.07 1.68
C ILE B 138 -19.71 -0.12 3.19
N GLY B 139 -18.81 -0.85 3.81
CA GLY B 139 -18.84 -1.00 5.26
C GLY B 139 -18.12 -2.27 5.67
N GLY B 140 -18.07 -2.54 6.98
CA GLY B 140 -17.36 -3.70 7.46
C GLY B 140 -18.19 -4.50 8.44
N PRO B 141 -17.78 -5.74 8.72
CA PRO B 141 -18.55 -6.62 9.60
C PRO B 141 -18.45 -6.26 11.08
N ILE B 142 -19.50 -6.61 11.82
CA ILE B 142 -19.39 -6.78 13.25
C ILE B 142 -18.94 -8.21 13.46
N LEU B 143 -17.81 -8.41 14.14
CA LEU B 143 -17.24 -9.75 14.28
C LEU B 143 -17.39 -10.22 15.71
N PRO B 144 -17.49 -11.55 15.90
CA PRO B 144 -17.65 -12.02 17.28
C PRO B 144 -16.38 -11.77 18.07
N SER B 145 -16.50 -11.18 19.25
CA SER B 145 -15.35 -11.09 20.14
C SER B 145 -15.15 -12.42 20.86
N GLU B 146 -13.92 -12.71 21.26
CA GLU B 146 -13.62 -13.89 22.05
C GLU B 146 -14.08 -13.69 23.49
N ARG B 147 -14.39 -12.45 23.84
CA ARG B 147 -14.80 -12.11 25.20
C ARG B 147 -16.29 -11.77 25.22
N SER B 148 -17.01 -12.39 26.15
CA SER B 148 -18.43 -12.13 26.33
C SER B 148 -18.72 -10.65 26.63
N GLY B 149 -19.78 -10.11 26.04
CA GLY B 149 -20.15 -8.74 26.28
C GLY B 149 -19.29 -7.72 25.55
N HIS B 150 -18.37 -8.20 24.71
CA HIS B 150 -17.55 -7.31 23.89
C HIS B 150 -17.97 -7.40 22.44
N ALA B 151 -18.00 -6.24 21.78
CA ALA B 151 -18.31 -6.18 20.36
C ALA B 151 -17.07 -5.74 19.58
N LEU B 152 -16.85 -6.39 18.45
CA LEU B 152 -15.70 -6.13 17.62
C LEU B 152 -16.16 -5.66 16.24
N ILE B 153 -15.84 -4.42 15.91
CA ILE B 153 -16.35 -3.78 14.71
C ILE B 153 -15.22 -3.39 13.77
N GLU B 154 -15.35 -3.78 12.50
CA GLU B 154 -14.47 -3.29 11.47
C GLU B 154 -15.06 -2.00 10.91
N GLN B 155 -14.44 -0.87 11.26
CA GLN B 155 -14.97 0.45 10.90
C GLN B 155 -14.21 1.03 9.71
N TRP B 156 -14.94 1.60 8.77
CA TRP B 156 -14.32 2.25 7.60
C TRP B 156 -14.70 3.73 7.58
N ASN B 157 -13.72 4.61 7.49
CA ASN B 157 -13.93 6.06 7.47
C ASN B 157 -13.21 6.71 6.31
N PRO B 158 -13.70 7.87 5.84
CA PRO B 158 -12.95 8.58 4.78
C PRO B 158 -11.53 8.92 5.23
N VAL B 159 -10.59 8.93 4.28
CA VAL B 159 -9.23 9.35 4.61
C VAL B 159 -9.15 10.88 4.73
N GLY B 160 -10.06 11.58 4.06
CA GLY B 160 -10.13 13.02 4.15
C GLY B 160 -10.06 13.70 2.79
N LEU B 161 -8.92 14.31 2.50
CA LEU B 161 -8.67 14.95 1.22
C LEU B 161 -7.88 14.05 0.29
N VAL B 162 -8.45 13.79 -0.88
CA VAL B 162 -7.84 12.91 -1.89
C VAL B 162 -7.35 13.77 -3.05
N GLY B 163 -6.03 13.87 -3.18
CA GLY B 163 -5.41 14.58 -4.29
C GLY B 163 -5.38 13.66 -5.50
N ILE B 164 -5.70 14.20 -6.67
CA ILE B 164 -5.79 13.39 -7.87
C ILE B 164 -4.99 14.07 -8.96
N ILE B 165 -3.92 13.42 -9.41
CA ILE B 165 -3.11 13.93 -10.51
C ILE B 165 -3.27 12.99 -11.69
N THR B 166 -3.64 13.55 -12.84
CA THR B 166 -3.94 12.73 -14.01
C THR B 166 -3.09 13.15 -15.22
N ALA B 167 -3.16 12.35 -16.27
CA ALA B 167 -2.26 12.47 -17.41
C ALA B 167 -3.03 12.93 -18.64
N PHE B 168 -2.32 13.24 -19.73
CA PHE B 168 -2.96 13.82 -20.91
C PHE B 168 -3.83 12.81 -21.66
N ASN B 169 -3.54 11.52 -21.53
CA ASN B 169 -4.09 10.59 -22.52
C ASN B 169 -5.48 10.11 -22.19
N PHE B 170 -5.83 10.10 -20.90
CA PHE B 170 -7.22 9.91 -20.50
C PHE B 170 -7.58 11.02 -19.53
N PRO B 171 -7.88 12.19 -20.09
CA PRO B 171 -8.00 13.42 -19.30
C PRO B 171 -9.36 13.56 -18.61
N VAL B 172 -10.27 12.61 -18.85
CA VAL B 172 -11.57 12.63 -18.17
C VAL B 172 -11.78 11.42 -17.26
N ALA B 173 -11.55 10.22 -17.80
CA ALA B 173 -12.07 9.02 -17.14
C ALA B 173 -11.25 8.58 -15.93
N VAL B 174 -9.94 8.86 -15.92
CA VAL B 174 -9.12 8.48 -14.76
C VAL B 174 -9.54 9.35 -13.58
N TYR B 175 -9.66 10.65 -13.81
CA TYR B 175 -10.19 11.53 -12.79
C TYR B 175 -11.57 11.04 -12.34
N GLY B 176 -12.42 10.72 -13.31
CA GLY B 176 -13.79 10.30 -13.04
C GLY B 176 -13.89 9.13 -12.09
N TRP B 177 -13.05 8.13 -12.29
CA TRP B 177 -13.02 6.95 -11.43
C TRP B 177 -12.60 7.34 -10.02
N ASN B 178 -11.49 8.06 -9.92
CA ASN B 178 -10.98 8.46 -8.62
C ASN B 178 -11.98 9.33 -7.90
N ASN B 179 -12.59 10.26 -8.62
CA ASN B 179 -13.50 11.19 -7.99
C ASN B 179 -14.79 10.50 -7.52
N ALA B 180 -15.37 9.68 -8.38
CA ALA B 180 -16.63 9.05 -8.05
C ALA B 180 -16.46 8.12 -6.84
N ILE B 181 -15.40 7.32 -6.83
CA ILE B 181 -15.24 6.38 -5.71
C ILE B 181 -14.85 7.15 -4.45
N ALA B 182 -13.94 8.13 -4.57
CA ALA B 182 -13.57 8.93 -3.41
C ALA B 182 -14.79 9.63 -2.81
N MET B 183 -15.67 10.16 -3.68
CA MET B 183 -16.84 10.90 -3.21
C MET B 183 -17.80 10.02 -2.43
N ILE B 184 -18.11 8.83 -2.95
CA ILE B 184 -19.09 8.00 -2.23
C ILE B 184 -18.51 7.54 -0.90
N CYS B 185 -17.18 7.49 -0.82
CA CYS B 185 -16.47 7.11 0.39
C CYS B 185 -16.36 8.23 1.42
N GLY B 186 -16.97 9.37 1.13
CA GLY B 186 -16.98 10.48 2.08
C GLY B 186 -15.76 11.37 2.06
N ASN B 187 -14.96 11.28 1.00
CA ASN B 187 -13.79 12.16 0.86
C ASN B 187 -14.11 13.41 0.05
N VAL B 188 -13.30 14.44 0.23
CA VAL B 188 -13.28 15.56 -0.72
C VAL B 188 -12.05 15.38 -1.62
N CYS B 189 -12.09 15.97 -2.81
CA CYS B 189 -11.04 15.79 -3.81
C CYS B 189 -10.42 17.10 -4.28
N LEU B 190 -9.15 17.00 -4.67
CA LEU B 190 -8.43 18.10 -5.29
C LEU B 190 -7.75 17.59 -6.56
N TRP B 191 -8.16 18.13 -7.71
CA TRP B 191 -7.69 17.66 -9.03
C TRP B 191 -6.63 18.58 -9.63
N LYS B 192 -5.50 17.99 -10.03
CA LYS B 192 -4.53 18.69 -10.89
C LYS B 192 -4.35 17.84 -12.14
N GLY B 193 -4.91 18.29 -13.26
CA GLY B 193 -4.78 17.54 -14.49
C GLY B 193 -3.54 17.88 -15.27
N ALA B 194 -3.36 17.23 -16.42
CA ALA B 194 -2.25 17.55 -17.30
C ALA B 194 -2.42 18.98 -17.80
N PRO B 195 -1.35 19.79 -17.75
CA PRO B 195 -1.49 21.19 -18.22
C PRO B 195 -2.01 21.29 -19.66
N THR B 196 -1.59 20.39 -20.53
CA THR B 196 -2.02 20.46 -21.92
C THR B 196 -3.48 20.00 -22.12
N THR B 197 -4.14 19.53 -21.06
CA THR B 197 -5.58 19.28 -21.17
C THR B 197 -6.36 20.10 -20.15
N SER B 198 -5.89 21.33 -19.90
CA SER B 198 -6.50 22.23 -18.92
C SER B 198 -7.96 22.58 -19.23
N LEU B 199 -8.28 22.78 -20.51
CA LEU B 199 -9.68 23.14 -20.83
C LEU B 199 -10.61 21.99 -20.49
N ILE B 200 -10.16 20.78 -20.76
CA ILE B 200 -10.95 19.60 -20.43
C ILE B 200 -11.18 19.56 -18.91
N SER B 201 -10.13 19.81 -18.13
CA SER B 201 -10.27 19.80 -16.66
C SER B 201 -11.29 20.84 -16.21
N VAL B 202 -11.21 22.05 -16.77
CA VAL B 202 -12.14 23.11 -16.42
C VAL B 202 -13.58 22.74 -16.81
N ALA B 203 -13.76 22.18 -18.00
CA ALA B 203 -15.10 21.84 -18.48
C ALA B 203 -15.78 20.77 -17.60
N VAL B 204 -15.01 19.75 -17.22
CA VAL B 204 -15.51 18.70 -16.34
C VAL B 204 -15.87 19.28 -14.98
N THR B 205 -15.00 20.14 -14.46
CA THR B 205 -15.24 20.74 -13.16
C THR B 205 -16.48 21.65 -13.19
N LYS B 206 -16.70 22.39 -14.28
CA LYS B 206 -17.91 23.21 -14.39
C LYS B 206 -19.17 22.35 -14.32
N ILE B 207 -19.13 21.17 -14.91
CA ILE B 207 -20.31 20.27 -14.87
C ILE B 207 -20.60 19.77 -13.44
N ILE B 208 -19.55 19.34 -12.76
CA ILE B 208 -19.65 18.83 -11.40
C ILE B 208 -20.02 19.97 -10.45
N ALA B 209 -19.36 21.10 -10.57
CA ALA B 209 -19.62 22.23 -9.71
C ALA B 209 -21.10 22.61 -9.71
N LYS B 210 -21.73 22.54 -10.88
CA LYS B 210 -23.13 22.94 -10.97
C LYS B 210 -24.04 21.98 -10.17
N VAL B 211 -23.72 20.69 -10.22
CA VAL B 211 -24.48 19.70 -9.45
C VAL B 211 -24.32 19.97 -7.95
N LEU B 212 -23.08 20.19 -7.52
CA LEU B 212 -22.80 20.47 -6.12
C LEU B 212 -23.53 21.73 -5.68
N GLU B 213 -23.34 22.81 -6.43
CA GLU B 213 -23.97 24.09 -6.10
C GLU B 213 -25.50 23.98 -6.09
N ASP B 214 -26.07 23.31 -7.09
CA ASP B 214 -27.54 23.12 -7.13
C ASP B 214 -28.04 22.36 -5.90
N ASN B 215 -27.19 21.49 -5.36
CA ASN B 215 -27.59 20.69 -4.20
C ASN B 215 -27.23 21.36 -2.88
N LYS B 216 -26.77 22.61 -2.98
CA LYS B 216 -26.43 23.43 -1.82
C LYS B 216 -25.29 22.83 -1.01
N LEU B 217 -24.34 22.22 -1.71
CA LEU B 217 -23.15 21.65 -1.11
C LEU B 217 -21.97 22.53 -1.45
N PRO B 218 -20.98 22.61 -0.54
CA PRO B 218 -19.80 23.43 -0.86
C PRO B 218 -19.07 22.84 -2.06
N GLY B 219 -18.82 23.67 -3.07
CA GLY B 219 -18.14 23.21 -4.27
C GLY B 219 -16.76 22.63 -4.07
N ALA B 220 -16.09 22.98 -2.97
CA ALA B 220 -14.72 22.48 -2.74
C ALA B 220 -14.64 20.97 -2.46
N ILE B 221 -15.80 20.31 -2.34
CA ILE B 221 -15.85 18.84 -2.33
C ILE B 221 -15.11 18.27 -3.56
N CYS B 222 -15.24 18.94 -4.70
CA CYS B 222 -14.51 18.56 -5.91
C CYS B 222 -13.71 19.75 -6.45
N SER B 223 -12.60 20.05 -5.78
CA SER B 223 -11.81 21.22 -6.12
C SER B 223 -10.90 20.94 -7.30
N LEU B 224 -10.47 22.02 -7.95
CA LEU B 224 -9.60 21.98 -9.11
C LEU B 224 -8.48 23.01 -8.93
N THR B 225 -7.23 22.58 -9.03
CA THR B 225 -6.13 23.53 -9.12
C THR B 225 -5.26 23.20 -10.33
N CYS B 226 -5.58 23.80 -11.48
CA CYS B 226 -4.75 23.61 -12.67
C CYS B 226 -3.33 24.10 -12.41
N GLY B 227 -2.35 23.33 -12.88
CA GLY B 227 -0.96 23.75 -12.74
C GLY B 227 -0.02 22.68 -13.25
N GLY B 228 1.27 22.99 -13.23
CA GLY B 228 2.29 22.05 -13.67
C GLY B 228 2.99 21.36 -12.50
N ALA B 229 4.27 21.05 -12.67
CA ALA B 229 5.00 20.24 -11.70
C ALA B 229 5.07 20.83 -10.29
N ASP B 230 5.03 22.17 -10.19
CA ASP B 230 5.16 22.79 -8.87
C ASP B 230 3.90 22.55 -8.02
N ILE B 231 2.73 22.52 -8.64
CA ILE B 231 1.49 22.16 -7.94
C ILE B 231 1.53 20.66 -7.59
N GLY B 232 2.00 19.86 -8.53
CA GLY B 232 2.12 18.42 -8.28
C GLY B 232 3.03 18.12 -7.11
N THR B 233 4.17 18.80 -7.06
CA THR B 233 5.11 18.64 -5.94
C THR B 233 4.50 19.10 -4.61
N ALA B 234 3.80 20.23 -4.61
CA ALA B 234 3.10 20.71 -3.43
C ALA B 234 2.16 19.63 -2.88
N MET B 235 1.38 19.02 -3.77
CA MET B 235 0.42 17.99 -3.37
C MET B 235 1.12 16.78 -2.74
N ALA B 236 2.19 16.32 -3.38
CA ALA B 236 2.97 15.18 -2.89
C ALA B 236 3.60 15.46 -1.53
N LYS B 237 3.97 16.70 -1.27
CA LYS B 237 4.60 17.03 0.01
C LYS B 237 3.61 17.46 1.09
N ASP B 238 2.35 17.64 0.72
CA ASP B 238 1.38 18.27 1.63
C ASP B 238 0.73 17.27 2.59
N GLU B 239 0.98 17.42 3.88
CA GLU B 239 0.39 16.53 4.89
C GLU B 239 -1.14 16.60 4.96
N ARG B 240 -1.71 17.70 4.49
CA ARG B 240 -3.17 17.84 4.46
C ARG B 240 -3.81 17.03 3.31
N VAL B 241 -2.99 16.55 2.38
CA VAL B 241 -3.46 15.64 1.33
C VAL B 241 -3.28 14.21 1.83
N ASN B 242 -4.36 13.64 2.35
CA ASN B 242 -4.30 12.35 3.04
C ASN B 242 -3.97 11.19 2.11
N LEU B 243 -4.45 11.27 0.88
CA LEU B 243 -4.23 10.23 -0.12
C LEU B 243 -3.93 10.94 -1.45
N LEU B 244 -2.85 10.55 -2.10
CA LEU B 244 -2.49 11.10 -3.42
C LEU B 244 -2.58 10.00 -4.48
N SER B 245 -3.52 10.14 -5.40
CA SER B 245 -3.65 9.24 -6.54
C SER B 245 -2.91 9.86 -7.71
N PHE B 246 -1.91 9.15 -8.23
CA PHE B 246 -1.11 9.69 -9.33
C PHE B 246 -1.15 8.72 -10.50
N THR B 247 -1.39 9.27 -11.69
CA THR B 247 -1.31 8.49 -12.92
C THR B 247 -0.32 9.16 -13.85
N GLY B 248 0.68 8.42 -14.31
CA GLY B 248 1.65 8.99 -15.21
C GLY B 248 2.92 8.20 -15.32
N SER B 249 4.01 8.89 -15.67
CA SER B 249 5.27 8.23 -15.97
C SER B 249 5.86 7.54 -14.74
N THR B 250 6.63 6.49 -14.98
CA THR B 250 7.28 5.73 -13.92
C THR B 250 8.30 6.60 -13.17
N GLN B 251 9.05 7.41 -13.89
CA GLN B 251 10.07 8.26 -13.29
C GLN B 251 9.45 9.29 -12.34
N VAL B 252 8.37 9.91 -12.76
CA VAL B 252 7.69 10.91 -11.93
C VAL B 252 6.98 10.23 -10.77
N GLY B 253 6.32 9.11 -11.07
CA GLY B 253 5.60 8.36 -10.05
C GLY B 253 6.49 7.89 -8.93
N LYS B 254 7.72 7.51 -9.25
CA LYS B 254 8.65 7.11 -8.20
C LYS B 254 8.91 8.26 -7.25
N GLN B 255 9.09 9.46 -7.81
CA GLN B 255 9.35 10.66 -7.00
C GLN B 255 8.17 10.98 -6.10
N VAL B 256 6.96 10.93 -6.67
CA VAL B 256 5.73 11.14 -5.93
C VAL B 256 5.63 10.14 -4.79
N GLY B 257 5.86 8.86 -5.11
CA GLY B 257 5.84 7.81 -4.11
C GLY B 257 6.79 8.06 -2.96
N LEU B 258 8.02 8.46 -3.29
CA LEU B 258 9.01 8.75 -2.25
C LEU B 258 8.61 9.93 -1.37
N MET B 259 8.05 10.99 -1.98
CA MET B 259 7.64 12.17 -1.21
C MET B 259 6.49 11.86 -0.27
N VAL B 260 5.52 11.10 -0.76
CA VAL B 260 4.39 10.76 0.08
C VAL B 260 4.81 9.85 1.25
N GLN B 261 5.65 8.86 0.96
CA GLN B 261 6.18 7.98 2.01
C GLN B 261 6.97 8.76 3.05
N GLU B 262 7.75 9.75 2.60
CA GLU B 262 8.56 10.55 3.53
C GLU B 262 7.71 11.23 4.60
N ARG B 263 6.45 11.54 4.27
CA ARG B 263 5.53 12.15 5.23
C ARG B 263 4.49 11.16 5.76
N PHE B 264 4.72 9.87 5.53
CA PHE B 264 3.81 8.81 5.95
C PHE B 264 2.39 9.04 5.45
N GLY B 265 2.26 9.53 4.22
CA GLY B 265 0.94 9.67 3.62
C GLY B 265 0.56 8.40 2.89
N ARG B 266 -0.56 8.44 2.18
CA ARG B 266 -0.96 7.30 1.38
C ARG B 266 -0.94 7.69 -0.08
N SER B 267 -0.55 6.78 -0.95
CA SER B 267 -0.54 7.05 -2.38
C SER B 267 -1.12 5.88 -3.14
N LEU B 268 -1.68 6.19 -4.30
CA LEU B 268 -2.14 5.20 -5.27
C LEU B 268 -1.45 5.55 -6.56
N LEU B 269 -0.54 4.68 -7.03
CA LEU B 269 0.24 5.03 -8.21
C LEU B 269 -0.14 4.11 -9.36
N GLU B 270 -0.46 4.72 -10.50
CA GLU B 270 -0.73 3.98 -11.72
C GLU B 270 0.31 4.44 -12.71
N LEU B 271 1.37 3.66 -12.85
CA LEU B 271 2.55 4.10 -13.57
C LEU B 271 2.63 3.40 -14.90
N GLY B 272 3.56 3.83 -15.73
CA GLY B 272 3.72 3.24 -17.03
C GLY B 272 3.96 1.75 -16.95
N GLY B 273 3.74 1.08 -18.07
CA GLY B 273 4.16 -0.29 -18.23
C GLY B 273 4.21 -0.54 -19.71
N ASN B 274 5.13 -1.40 -20.13
CA ASN B 274 5.08 -1.81 -21.53
C ASN B 274 4.05 -2.90 -21.65
N ASN B 275 3.62 -3.13 -22.87
CA ASN B 275 2.62 -4.12 -23.14
C ASN B 275 3.13 -5.00 -24.25
N ALA B 276 3.17 -6.29 -23.99
CA ALA B 276 3.65 -7.23 -24.98
C ALA B 276 2.52 -8.12 -25.44
N ILE B 277 2.62 -8.52 -26.70
CA ILE B 277 1.78 -9.55 -27.29
C ILE B 277 2.69 -10.70 -27.68
N ILE B 278 2.30 -11.92 -27.34
CA ILE B 278 3.07 -13.10 -27.71
C ILE B 278 2.20 -14.05 -28.51
N ALA B 279 2.64 -14.34 -29.73
CA ALA B 279 1.95 -15.26 -30.63
C ALA B 279 2.71 -16.58 -30.73
N PHE B 280 2.14 -17.63 -30.18
CA PHE B 280 2.78 -18.94 -30.20
C PHE B 280 2.51 -19.64 -31.51
N GLU B 281 3.17 -20.78 -31.74
CA GLU B 281 3.11 -21.47 -33.02
C GLU B 281 1.68 -21.86 -33.40
N ASP B 282 0.86 -22.15 -32.41
CA ASP B 282 -0.49 -22.65 -32.65
C ASP B 282 -1.53 -21.53 -32.64
N ALA B 283 -1.07 -20.29 -32.73
CA ALA B 283 -1.99 -19.16 -32.67
C ALA B 283 -2.87 -19.06 -33.92
N ASP B 284 -4.08 -18.56 -33.73
CA ASP B 284 -4.97 -18.23 -34.83
C ASP B 284 -4.54 -16.87 -35.41
N LEU B 285 -3.92 -16.90 -36.59
CA LEU B 285 -3.32 -15.70 -37.16
C LEU B 285 -4.36 -14.66 -37.54
N SER B 286 -5.59 -15.11 -37.81
CA SER B 286 -6.66 -14.20 -38.15
C SER B 286 -7.14 -13.46 -36.91
N LEU B 287 -6.72 -13.92 -35.73
CA LEU B 287 -6.91 -13.15 -34.50
C LEU B 287 -5.70 -12.25 -34.23
N VAL B 288 -4.53 -12.85 -34.37
CA VAL B 288 -3.26 -12.20 -34.05
C VAL B 288 -3.06 -10.88 -34.80
N VAL B 289 -3.27 -10.91 -36.12
CA VAL B 289 -2.95 -9.73 -36.92
C VAL B 289 -3.84 -8.52 -36.59
N PRO B 290 -5.18 -8.67 -36.65
CA PRO B 290 -5.94 -7.46 -36.27
C PRO B 290 -5.77 -7.05 -34.80
N SER B 291 -5.67 -8.01 -33.88
CA SER B 291 -5.43 -7.69 -32.47
C SER B 291 -4.18 -6.85 -32.29
N ALA B 292 -3.09 -7.28 -32.91
CA ALA B 292 -1.83 -6.56 -32.83
C ALA B 292 -1.97 -5.17 -33.44
N LEU B 293 -2.59 -5.09 -34.61
CA LEU B 293 -2.74 -3.80 -35.28
C LEU B 293 -3.50 -2.82 -34.40
N PHE B 294 -4.68 -3.21 -33.93
CA PHE B 294 -5.51 -2.26 -33.19
C PHE B 294 -4.89 -1.92 -31.85
N ALA B 295 -4.20 -2.88 -31.23
CA ALA B 295 -3.60 -2.64 -29.92
C ALA B 295 -2.40 -1.71 -30.04
N ALA B 296 -1.72 -1.80 -31.18
CA ALA B 296 -0.51 -1.01 -31.42
C ALA B 296 -0.80 0.43 -31.83
N VAL B 297 -1.86 0.66 -32.61
CA VAL B 297 -2.08 2.00 -33.17
C VAL B 297 -3.31 2.74 -32.60
N GLY B 298 -4.14 2.05 -31.83
CA GLY B 298 -5.27 2.69 -31.17
C GLY B 298 -4.83 3.96 -30.43
N THR B 299 -5.57 5.04 -30.62
CA THR B 299 -5.26 6.35 -30.02
C THR B 299 -3.83 6.79 -30.38
N ALA B 300 -3.41 6.45 -31.60
CA ALA B 300 -2.08 6.80 -32.13
C ALA B 300 -0.95 6.29 -31.23
N GLY B 301 -1.17 5.13 -30.62
CA GLY B 301 -0.19 4.51 -29.76
C GLY B 301 0.03 5.23 -28.43
N GLN B 302 -0.97 5.98 -27.98
CA GLN B 302 -0.78 6.81 -26.80
C GLN B 302 -1.53 6.30 -25.57
N ARG B 303 -2.01 5.06 -25.61
CA ARG B 303 -2.67 4.50 -24.42
C ARG B 303 -1.64 3.93 -23.47
N CYS B 304 -1.97 3.86 -22.18
CA CYS B 304 -1.11 3.17 -21.22
C CYS B 304 -0.95 1.70 -21.59
N THR B 305 -1.99 1.17 -22.22
CA THR B 305 -2.03 -0.24 -22.60
C THR B 305 -1.58 -0.52 -24.04
N THR B 306 -1.07 0.49 -24.75
CA THR B 306 -0.65 0.32 -26.14
C THR B 306 0.38 -0.82 -26.30
N ALA B 307 0.15 -1.71 -27.26
CA ALA B 307 1.10 -2.77 -27.51
C ALA B 307 2.31 -2.20 -28.24
N ARG B 308 3.50 -2.39 -27.68
CA ARG B 308 4.71 -1.87 -28.29
C ARG B 308 5.69 -2.98 -28.62
N ARG B 309 5.47 -4.15 -28.04
CA ARG B 309 6.35 -5.28 -28.31
C ARG B 309 5.55 -6.51 -28.71
N LEU B 310 5.86 -7.04 -29.89
CA LEU B 310 5.17 -8.21 -30.41
C LEU B 310 6.17 -9.35 -30.64
N PHE B 311 5.99 -10.43 -29.89
CA PHE B 311 6.85 -11.60 -30.02
C PHE B 311 6.17 -12.68 -30.85
N ILE B 312 6.85 -13.15 -31.90
CA ILE B 312 6.26 -14.15 -32.78
C ILE B 312 7.14 -15.37 -32.93
N HIS B 313 6.53 -16.54 -32.78
CA HIS B 313 7.25 -17.80 -32.98
C HIS B 313 7.87 -17.85 -34.36
N GLU B 314 9.07 -18.44 -34.44
CA GLU B 314 9.85 -18.46 -35.68
C GLU B 314 9.06 -18.99 -36.88
N SER B 315 8.17 -19.94 -36.64
CA SER B 315 7.47 -20.62 -37.71
C SER B 315 6.40 -19.75 -38.39
N ILE B 316 5.96 -18.69 -37.73
CA ILE B 316 4.93 -17.84 -38.31
C ILE B 316 5.35 -16.37 -38.38
N HIS B 317 6.59 -16.08 -38.00
CA HIS B 317 7.07 -14.71 -37.90
C HIS B 317 6.97 -13.93 -39.22
N ASP B 318 7.61 -14.43 -40.26
CA ASP B 318 7.56 -13.79 -41.57
C ASP B 318 6.14 -13.56 -42.07
N GLU B 319 5.28 -14.55 -41.87
CA GLU B 319 3.90 -14.46 -42.36
C GLU B 319 3.11 -13.38 -41.62
N VAL B 320 3.28 -13.33 -40.31
CA VAL B 320 2.55 -12.35 -39.51
C VAL B 320 3.02 -10.94 -39.85
N VAL B 321 4.32 -10.79 -40.08
CA VAL B 321 4.87 -9.48 -40.40
C VAL B 321 4.37 -9.03 -41.77
N ASN B 322 4.37 -9.94 -42.74
CA ASN B 322 3.87 -9.65 -44.07
C ASN B 322 2.40 -9.23 -44.06
N ARG B 323 1.58 -9.95 -43.30
CA ARG B 323 0.17 -9.64 -43.17
C ARG B 323 -0.08 -8.34 -42.38
N LEU B 324 0.80 -8.03 -41.42
CA LEU B 324 0.69 -6.77 -40.67
C LEU B 324 1.01 -5.58 -41.58
N LYS B 325 2.04 -5.75 -42.39
CA LYS B 325 2.43 -4.73 -43.37
C LYS B 325 1.29 -4.42 -44.31
N LYS B 326 0.62 -5.47 -44.80
CA LYS B 326 -0.52 -5.30 -45.70
C LYS B 326 -1.67 -4.57 -45.00
N ALA B 327 -1.92 -4.95 -43.75
CA ALA B 327 -2.99 -4.32 -42.99
C ALA B 327 -2.65 -2.89 -42.61
N TYR B 328 -1.39 -2.63 -42.23
CA TYR B 328 -0.98 -1.28 -41.85
C TYR B 328 -1.20 -0.32 -42.98
N ALA B 329 -0.95 -0.78 -44.20
CA ALA B 329 -1.10 0.04 -45.39
C ALA B 329 -2.55 0.53 -45.58
N GLN B 330 -3.49 -0.07 -44.85
CA GLN B 330 -4.90 0.29 -44.96
C GLN B 330 -5.39 1.19 -43.83
N ILE B 331 -4.50 1.50 -42.90
CA ILE B 331 -4.85 2.36 -41.77
C ILE B 331 -5.08 3.78 -42.26
N ARG B 332 -6.23 4.36 -41.94
CA ARG B 332 -6.51 5.72 -42.35
C ARG B 332 -6.28 6.66 -41.16
N VAL B 333 -5.41 7.64 -41.36
CA VAL B 333 -5.04 8.57 -40.31
C VAL B 333 -5.59 9.92 -40.71
N GLY B 334 -6.13 10.66 -39.75
CA GLY B 334 -6.67 11.97 -40.09
C GLY B 334 -7.38 12.66 -38.95
N ASN B 335 -8.21 13.63 -39.33
CA ASN B 335 -8.87 14.51 -38.38
C ASN B 335 -9.79 13.76 -37.42
N PRO B 336 -9.75 14.12 -36.12
CA PRO B 336 -10.54 13.42 -35.10
C PRO B 336 -12.06 13.44 -35.34
N TRP B 337 -12.56 14.44 -36.07
CA TRP B 337 -13.98 14.45 -36.44
C TRP B 337 -14.34 13.63 -37.68
N ASP B 338 -13.35 13.07 -38.35
CA ASP B 338 -13.62 12.24 -39.52
C ASP B 338 -14.05 10.87 -39.00
N PRO B 339 -15.31 10.46 -39.28
CA PRO B 339 -15.78 9.18 -38.74
C PRO B 339 -15.04 7.98 -39.32
N ASN B 340 -14.31 8.20 -40.41
CA ASN B 340 -13.62 7.12 -41.10
C ASN B 340 -12.10 7.11 -40.92
N VAL B 341 -11.61 7.59 -39.79
CA VAL B 341 -10.18 7.45 -39.51
C VAL B 341 -9.99 6.56 -38.28
N LEU B 342 -8.92 5.78 -38.30
CA LEU B 342 -8.60 4.89 -37.18
C LEU B 342 -7.90 5.63 -36.04
N TYR B 343 -7.06 6.60 -36.36
CA TYR B 343 -6.49 7.46 -35.33
C TYR B 343 -6.09 8.82 -35.89
N GLY B 344 -5.83 9.77 -34.99
CA GLY B 344 -5.55 11.14 -35.36
C GLY B 344 -4.14 11.57 -34.99
N PRO B 345 -3.95 12.84 -34.62
CA PRO B 345 -2.61 13.37 -34.37
C PRO B 345 -2.06 12.96 -33.02
N LEU B 346 -0.74 13.02 -32.87
CA LEU B 346 -0.11 12.90 -31.56
C LEU B 346 -0.47 14.14 -30.75
N HIS B 347 -0.40 14.02 -29.44
CA HIS B 347 -0.89 15.07 -28.57
C HIS B 347 -0.07 16.38 -28.69
N THR B 348 1.23 16.27 -28.93
CA THR B 348 2.09 17.46 -28.94
C THR B 348 3.10 17.43 -30.08
N LYS B 349 3.66 18.58 -30.44
CA LYS B 349 4.77 18.61 -31.40
C LYS B 349 5.97 17.84 -30.85
N GLN B 350 6.20 17.98 -29.55
CA GLN B 350 7.29 17.27 -28.88
C GLN B 350 7.17 15.76 -29.05
N ALA B 351 5.94 15.24 -29.00
CA ALA B 351 5.72 13.82 -29.20
C ALA B 351 6.12 13.40 -30.61
N VAL B 352 5.98 14.30 -31.58
CA VAL B 352 6.42 14.00 -32.93
C VAL B 352 7.95 13.88 -32.97
N SER B 353 8.65 14.75 -32.24
CA SER B 353 10.12 14.68 -32.20
C SER B 353 10.58 13.39 -31.54
N MET B 354 9.88 13.01 -30.48
CA MET B 354 10.13 11.74 -29.79
C MET B 354 9.97 10.56 -30.74
N PHE B 355 8.91 10.59 -31.54
CA PHE B 355 8.68 9.54 -32.55
C PHE B 355 9.87 9.45 -33.51
N LEU B 356 10.31 10.58 -34.04
CA LEU B 356 11.45 10.57 -34.96
C LEU B 356 12.72 10.08 -34.29
N GLY B 357 12.95 10.51 -33.05
CA GLY B 357 14.13 10.09 -32.32
C GLY B 357 14.18 8.58 -32.10
N ALA B 358 13.03 8.00 -31.77
CA ALA B 358 12.92 6.57 -31.52
C ALA B 358 13.20 5.77 -32.79
N VAL B 359 12.67 6.26 -33.91
CA VAL B 359 12.85 5.60 -35.20
C VAL B 359 14.32 5.58 -35.61
N GLU B 360 15.01 6.69 -35.38
CA GLU B 360 16.45 6.77 -35.67
C GLU B 360 17.27 5.89 -34.71
N GLU B 361 16.93 5.95 -33.43
CA GLU B 361 17.64 5.14 -32.44
C GLU B 361 17.44 3.65 -32.74
N ALA B 362 16.27 3.29 -33.23
CA ALA B 362 15.98 1.92 -33.60
C ALA B 362 16.91 1.43 -34.71
N LYS B 363 17.13 2.28 -35.70
CA LYS B 363 18.03 1.96 -36.81
C LYS B 363 19.48 1.86 -36.36
N LYS B 364 19.89 2.78 -35.49
CA LYS B 364 21.24 2.77 -34.93
C LYS B 364 21.50 1.50 -34.14
N GLU B 365 20.44 0.94 -33.54
CA GLU B 365 20.56 -0.28 -32.76
C GLU B 365 20.36 -1.51 -33.66
N GLY B 366 20.19 -1.29 -34.95
CA GLY B 366 20.18 -2.37 -35.93
C GLY B 366 18.83 -2.83 -36.44
N GLY B 367 17.77 -2.12 -36.07
CA GLY B 367 16.43 -2.50 -36.50
C GLY B 367 16.11 -2.10 -37.92
N THR B 368 15.12 -2.77 -38.51
CA THR B 368 14.64 -2.43 -39.85
C THR B 368 13.21 -1.92 -39.80
N VAL B 369 12.98 -0.73 -40.35
CA VAL B 369 11.64 -0.21 -40.48
C VAL B 369 10.97 -0.87 -41.67
N VAL B 370 10.04 -1.79 -41.41
CA VAL B 370 9.41 -2.49 -42.52
C VAL B 370 8.12 -1.78 -42.95
N TYR B 371 7.62 -0.88 -42.13
CA TYR B 371 6.54 0.01 -42.55
C TYR B 371 6.55 1.31 -41.77
N GLY B 372 6.17 2.40 -42.42
CA GLY B 372 5.98 3.69 -41.75
C GLY B 372 7.26 4.39 -41.38
N GLY B 373 7.28 5.02 -40.22
CA GLY B 373 8.47 5.66 -39.71
C GLY B 373 8.65 7.13 -40.04
N LYS B 374 7.70 7.71 -40.76
CA LYS B 374 7.83 9.10 -41.19
C LYS B 374 6.75 10.00 -40.60
N VAL B 375 7.05 11.28 -40.52
CA VAL B 375 6.04 12.29 -40.23
C VAL B 375 5.24 12.56 -41.50
N MET B 376 3.92 12.68 -41.36
CA MET B 376 3.08 13.05 -42.48
C MET B 376 3.15 14.55 -42.75
N ASP B 377 3.28 14.91 -44.02
CA ASP B 377 3.46 16.31 -44.40
C ASP B 377 2.11 17.01 -44.48
N ARG B 378 1.56 17.30 -43.30
CA ARG B 378 0.28 17.99 -43.20
C ARG B 378 0.25 18.78 -41.90
N PRO B 379 -0.63 19.78 -41.80
CA PRO B 379 -0.77 20.49 -40.52
C PRO B 379 -1.13 19.54 -39.40
N GLY B 380 -0.72 19.86 -38.17
CA GLY B 380 -1.01 18.99 -37.03
C GLY B 380 0.13 18.03 -36.75
N ASN B 381 -0.10 17.10 -35.83
CA ASN B 381 0.96 16.24 -35.32
C ASN B 381 0.77 14.80 -35.81
N TYR B 382 0.77 14.60 -37.12
CA TYR B 382 0.43 13.29 -37.68
C TYR B 382 1.67 12.50 -38.09
N VAL B 383 1.74 11.25 -37.65
CA VAL B 383 2.84 10.35 -37.98
C VAL B 383 2.31 9.01 -38.54
N GLU B 384 3.11 8.32 -39.34
CA GLU B 384 2.71 7.04 -39.91
C GLU B 384 2.78 5.92 -38.89
N PRO B 385 1.85 4.97 -38.94
CA PRO B 385 1.98 3.81 -38.05
C PRO B 385 3.21 3.02 -38.46
N THR B 386 4.00 2.58 -37.48
CA THR B 386 5.36 2.12 -37.78
C THR B 386 5.64 0.74 -37.20
N ILE B 387 6.31 -0.09 -37.99
CA ILE B 387 6.73 -1.43 -37.56
C ILE B 387 8.24 -1.59 -37.72
N VAL B 388 8.90 -2.09 -36.67
CA VAL B 388 10.35 -2.25 -36.64
C VAL B 388 10.72 -3.71 -36.34
N THR B 389 11.49 -4.33 -37.23
CA THR B 389 11.96 -5.69 -37.02
C THR B 389 13.47 -5.70 -36.78
N GLY B 390 13.99 -6.85 -36.34
CA GLY B 390 15.43 -7.05 -36.28
C GLY B 390 16.13 -6.70 -34.97
N LEU B 391 15.48 -5.93 -34.12
CA LEU B 391 16.08 -5.59 -32.83
C LEU B 391 16.24 -6.83 -31.94
N GLY B 392 17.27 -6.82 -31.10
CA GLY B 392 17.41 -7.84 -30.07
C GLY B 392 16.38 -7.55 -29.00
N HIS B 393 15.97 -8.58 -28.26
CA HIS B 393 14.90 -8.44 -27.27
C HIS B 393 15.24 -7.45 -26.16
N ASP B 394 16.54 -7.24 -25.96
CA ASP B 394 17.03 -6.39 -24.88
C ASP B 394 17.38 -4.98 -25.37
N ALA B 395 17.17 -4.70 -26.65
CA ALA B 395 17.48 -3.41 -27.23
C ALA B 395 16.78 -2.27 -26.47
N SER B 396 17.57 -1.26 -26.12
CA SER B 396 17.14 -0.20 -25.21
C SER B 396 15.92 0.59 -25.69
N ILE B 397 15.88 0.93 -26.98
CA ILE B 397 14.82 1.78 -27.48
C ILE B 397 13.47 1.07 -27.45
N ALA B 398 13.48 -0.25 -27.51
CA ALA B 398 12.25 -1.04 -27.49
C ALA B 398 11.68 -1.21 -26.08
N HIS B 399 12.49 -0.88 -25.08
CA HIS B 399 12.04 -0.93 -23.69
C HIS B 399 11.61 0.45 -23.23
N THR B 400 11.92 1.45 -24.04
CA THR B 400 11.41 2.80 -23.83
C THR B 400 9.99 2.88 -24.33
N GLU B 401 9.08 3.34 -23.47
CA GLU B 401 7.72 3.58 -23.90
C GLU B 401 7.65 4.93 -24.62
N THR B 402 7.47 4.86 -25.93
CA THR B 402 7.30 6.06 -26.72
C THR B 402 5.82 6.16 -27.07
N PHE B 403 5.16 7.23 -26.62
CA PHE B 403 3.74 7.38 -26.88
C PHE B 403 3.53 7.81 -28.32
N ALA B 404 3.62 6.83 -29.20
CA ALA B 404 3.47 6.97 -30.65
C ALA B 404 3.25 5.59 -31.22
N PRO B 405 2.73 5.49 -32.46
CA PRO B 405 2.50 4.15 -32.97
C PRO B 405 3.77 3.52 -33.55
N ILE B 406 4.60 2.96 -32.67
CA ILE B 406 5.77 2.19 -33.09
C ILE B 406 5.68 0.81 -32.45
N LEU B 407 5.63 -0.22 -33.30
CA LEU B 407 5.57 -1.59 -32.82
C LEU B 407 6.90 -2.30 -33.10
N TYR B 408 7.53 -2.82 -32.05
CA TYR B 408 8.76 -3.58 -32.21
C TYR B 408 8.47 -5.08 -32.25
N VAL B 409 9.02 -5.75 -33.26
CA VAL B 409 8.71 -7.16 -33.50
C VAL B 409 9.92 -8.06 -33.25
N PHE B 410 9.73 -9.12 -32.48
CA PHE B 410 10.81 -10.03 -32.13
C PHE B 410 10.46 -11.46 -32.49
N LYS B 411 11.47 -12.24 -32.83
CA LYS B 411 11.26 -13.64 -33.16
C LYS B 411 11.71 -14.50 -31.99
N PHE B 412 11.03 -15.62 -31.75
CA PHE B 412 11.46 -16.54 -30.69
C PHE B 412 11.24 -18.00 -31.11
N LYS B 413 11.88 -18.91 -30.41
CA LYS B 413 11.79 -20.33 -30.75
C LYS B 413 11.05 -21.12 -29.68
N ASN B 414 11.38 -20.86 -28.42
CA ASN B 414 10.82 -21.65 -27.32
C ASN B 414 9.95 -20.85 -26.38
N GLU B 415 9.05 -21.55 -25.69
CA GLU B 415 8.24 -20.93 -24.65
C GLU B 415 9.10 -20.40 -23.51
N GLU B 416 10.07 -21.21 -23.08
CA GLU B 416 11.01 -20.80 -22.03
C GLU B 416 11.73 -19.50 -22.40
N GLU B 417 12.12 -19.45 -23.67
CA GLU B 417 12.81 -18.31 -24.24
C GLU B 417 12.00 -17.02 -24.15
N VAL B 418 10.81 -17.02 -24.73
CA VAL B 418 10.02 -15.78 -24.80
C VAL B 418 9.53 -15.37 -23.41
N PHE B 419 9.24 -16.33 -22.55
CA PHE B 419 8.86 -16.02 -21.17
C PHE B 419 9.99 -15.30 -20.42
N ALA B 420 11.22 -15.79 -20.58
CA ALA B 420 12.38 -15.22 -19.91
C ALA B 420 12.61 -13.77 -20.34
N TRP B 421 12.58 -13.52 -21.65
CA TRP B 421 12.67 -12.16 -22.17
C TRP B 421 11.62 -11.25 -21.55
N ASN B 422 10.37 -11.71 -21.58
CA ASN B 422 9.25 -10.92 -21.09
C ASN B 422 9.26 -10.66 -19.58
N ASN B 423 9.66 -11.67 -18.80
CA ASN B 423 9.75 -11.46 -17.36
C ASN B 423 11.17 -11.07 -16.99
N GLU B 424 11.86 -10.42 -17.91
CA GLU B 424 13.13 -9.76 -17.64
C GLU B 424 12.89 -8.25 -17.58
N VAL B 425 11.78 -7.82 -18.17
CA VAL B 425 11.29 -6.47 -17.99
C VAL B 425 10.56 -6.38 -16.66
N LYS B 426 10.58 -5.22 -16.03
CA LYS B 426 10.05 -5.09 -14.68
C LYS B 426 8.72 -4.35 -14.66
N GLN B 427 8.68 -3.21 -15.34
CA GLN B 427 7.53 -2.31 -15.28
C GLN B 427 6.30 -2.84 -16.04
N GLY B 428 6.42 -4.02 -16.64
CA GLY B 428 5.38 -4.59 -17.49
C GLY B 428 3.95 -4.42 -16.99
N LEU B 429 3.11 -3.81 -17.81
CA LEU B 429 1.72 -3.55 -17.44
C LEU B 429 0.76 -4.68 -17.86
N SER B 430 0.84 -5.11 -19.12
CA SER B 430 -0.04 -6.15 -19.62
C SER B 430 0.72 -7.13 -20.49
N SER B 431 0.23 -8.36 -20.51
CA SER B 431 0.78 -9.40 -21.34
C SER B 431 -0.38 -10.08 -22.04
N SER B 432 -0.31 -10.20 -23.36
CA SER B 432 -1.36 -10.84 -24.12
C SER B 432 -0.79 -12.01 -24.90
N ILE B 433 -1.27 -13.22 -24.61
CA ILE B 433 -0.77 -14.38 -25.32
C ILE B 433 -1.83 -14.93 -26.29
N PHE B 434 -1.35 -15.40 -27.44
CA PHE B 434 -2.23 -16.04 -28.42
C PHE B 434 -1.77 -17.47 -28.62
N THR B 435 -2.63 -18.40 -28.21
CA THR B 435 -2.32 -19.83 -28.31
C THR B 435 -3.62 -20.62 -28.10
N LYS B 436 -3.59 -21.91 -28.40
CA LYS B 436 -4.74 -22.77 -28.15
C LYS B 436 -4.42 -23.83 -27.12
N ASP B 437 -3.16 -23.88 -26.69
CA ASP B 437 -2.68 -24.82 -25.69
C ASP B 437 -3.18 -24.46 -24.28
N LEU B 438 -4.11 -25.26 -23.76
CA LEU B 438 -4.72 -24.98 -22.47
C LEU B 438 -3.72 -25.07 -21.31
N GLY B 439 -2.80 -26.04 -21.38
CA GLY B 439 -1.77 -26.16 -20.36
C GLY B 439 -0.89 -24.92 -20.29
N ARG B 440 -0.52 -24.42 -21.46
CA ARG B 440 0.29 -23.22 -21.58
C ARG B 440 -0.40 -22.01 -20.97
N ILE B 441 -1.71 -21.90 -21.23
CA ILE B 441 -2.51 -20.81 -20.70
C ILE B 441 -2.49 -20.80 -19.17
N PHE B 442 -2.72 -21.95 -18.55
CA PHE B 442 -2.69 -22.05 -17.10
C PHE B 442 -1.31 -21.70 -16.53
N ARG B 443 -0.25 -22.18 -17.18
CA ARG B 443 1.11 -21.84 -16.77
C ARG B 443 1.32 -20.33 -16.79
N TRP B 444 0.92 -19.69 -17.89
CA TRP B 444 1.13 -18.26 -18.05
C TRP B 444 0.39 -17.41 -17.01
N LEU B 445 -0.77 -17.88 -16.55
CA LEU B 445 -1.58 -17.08 -15.63
C LEU B 445 -1.31 -17.47 -14.16
N GLY B 446 -0.66 -18.62 -13.98
CA GLY B 446 -0.38 -19.17 -12.67
C GLY B 446 0.85 -18.56 -12.01
N PRO B 447 1.27 -19.13 -10.86
CA PRO B 447 2.33 -18.52 -10.05
C PRO B 447 3.69 -18.39 -10.76
N LYS B 448 3.97 -19.26 -11.71
CA LYS B 448 5.26 -19.24 -12.40
C LYS B 448 5.16 -18.54 -13.76
N GLY B 449 4.05 -17.86 -14.01
CA GLY B 449 3.82 -17.22 -15.30
C GLY B 449 4.14 -15.73 -15.32
N SER B 450 3.39 -14.99 -16.12
CA SER B 450 3.58 -13.56 -16.24
C SER B 450 3.35 -12.82 -14.91
N ASP B 451 4.16 -11.82 -14.64
CA ASP B 451 3.98 -11.01 -13.43
C ASP B 451 3.19 -9.72 -13.66
N CYS B 452 2.69 -9.53 -14.88
CA CYS B 452 1.90 -8.33 -15.17
C CYS B 452 0.58 -8.36 -14.40
N GLY B 453 0.05 -7.16 -14.12
CA GLY B 453 -1.21 -7.02 -13.42
C GLY B 453 -2.39 -7.32 -14.33
N ILE B 454 -2.13 -7.34 -15.64
CA ILE B 454 -3.16 -7.61 -16.65
C ILE B 454 -2.66 -8.70 -17.59
N VAL B 455 -3.38 -9.82 -17.65
CA VAL B 455 -2.98 -10.88 -18.58
C VAL B 455 -4.17 -11.30 -19.44
N ASN B 456 -3.98 -11.30 -20.76
CA ASN B 456 -5.05 -11.61 -21.68
C ASN B 456 -4.75 -12.86 -22.51
N VAL B 457 -5.80 -13.61 -22.83
CA VAL B 457 -5.64 -14.81 -23.62
C VAL B 457 -6.51 -14.70 -24.87
N ASN B 458 -5.85 -14.68 -26.03
CA ASN B 458 -6.49 -14.58 -27.36
C ASN B 458 -7.32 -13.31 -27.54
N ILE B 459 -6.84 -12.24 -26.92
CA ILE B 459 -7.39 -10.90 -27.03
C ILE B 459 -6.25 -9.95 -26.58
N PRO B 460 -6.12 -8.76 -27.20
CA PRO B 460 -5.03 -7.87 -26.78
C PRO B 460 -5.35 -7.09 -25.51
N SER B 484 -14.59 -5.76 -6.43
CA SER B 484 -15.53 -4.73 -5.98
C SER B 484 -15.20 -4.27 -4.57
N ASP B 485 -13.92 -4.30 -4.23
CA ASP B 485 -13.44 -3.78 -2.96
C ASP B 485 -12.56 -2.57 -3.22
N ALA B 486 -12.73 -2.00 -4.41
CA ALA B 486 -11.94 -0.84 -4.82
C ALA B 486 -12.14 0.33 -3.84
N TRP B 487 -13.33 0.43 -3.27
CA TRP B 487 -13.64 1.52 -2.35
C TRP B 487 -12.71 1.54 -1.11
N LYS B 488 -12.21 0.37 -0.72
CA LYS B 488 -11.33 0.31 0.45
C LYS B 488 -10.04 1.14 0.26
N GLN B 489 -9.60 1.31 -0.99
CA GLN B 489 -8.41 2.13 -1.28
C GLN B 489 -8.58 3.60 -0.88
N TYR B 490 -9.82 4.03 -0.74
CA TYR B 490 -10.10 5.45 -0.49
C TYR B 490 -10.61 5.68 0.94
N MET B 491 -10.48 4.67 1.79
CA MET B 491 -10.93 4.77 3.16
C MET B 491 -9.88 4.23 4.13
N ARG B 492 -10.07 4.52 5.41
CA ARG B 492 -9.16 3.99 6.41
C ARG B 492 -9.92 3.05 7.33
N ARG B 493 -9.31 1.92 7.62
CA ARG B 493 -9.91 0.88 8.44
C ARG B 493 -9.50 1.03 9.89
N SER B 494 -10.45 0.88 10.80
CA SER B 494 -10.09 0.74 12.21
C SER B 494 -10.80 -0.44 12.81
N THR B 495 -10.16 -1.04 13.79
CA THR B 495 -10.76 -2.08 14.60
C THR B 495 -11.24 -1.49 15.90
N CYS B 496 -12.55 -1.50 16.11
CA CYS B 496 -13.13 -0.91 17.30
C CYS B 496 -13.67 -2.00 18.21
N THR B 497 -13.27 -1.96 19.48
CA THR B 497 -13.77 -2.91 20.44
C THR B 497 -14.59 -2.19 21.48
N ILE B 498 -15.83 -2.63 21.66
CA ILE B 498 -16.71 -1.97 22.60
C ILE B 498 -17.13 -2.90 23.72
N ASN B 499 -16.72 -2.55 24.93
CA ASN B 499 -17.10 -3.29 26.12
C ASN B 499 -18.43 -2.76 26.62
N TYR B 500 -19.49 -3.54 26.41
CA TYR B 500 -20.82 -3.12 26.85
C TYR B 500 -21.34 -4.02 27.97
N SER B 501 -20.46 -4.83 28.55
CA SER B 501 -20.84 -5.73 29.63
C SER B 501 -20.93 -5.00 30.97
#